data_7UF6
#
_entry.id   7UF6
#
_cell.length_a   62.758
_cell.length_b   83.652
_cell.length_c   105.235
_cell.angle_alpha   90.000
_cell.angle_beta   90.000
_cell.angle_gamma   90.000
#
_symmetry.space_group_name_H-M   'P 21 21 21'
#
loop_
_entity.id
_entity.type
_entity.pdbx_description
1 polymer 'Hemoglobin subunit alpha'
2 polymer 'Hemoglobin subunit beta'
3 non-polymer 'PROTOPORPHYRIN IX CONTAINING FE'
4 non-polymer 'CARBON MONOXIDE'
5 non-polymer (2S)-2-(5-methylfuran-2-yl)oxane
6 water water
#
loop_
_entity_poly.entity_id
_entity_poly.type
_entity_poly.pdbx_seq_one_letter_code
_entity_poly.pdbx_strand_id
1 'polypeptide(L)'
;MVLSPADKTNVKAAWGKVGAHAGEYGAEALERMFLSFPTTKTYFPHFDLSHGSAQVKGHGKKVADALTNAVAHVDDMPNA
LSALSDLHAHKLRVDPVNFKLLSHCLLVTLAAHLPAEFTPAVHASLDKFLASVSTVLTSKYR
;
A,C
2 'polypeptide(L)'
;MVHLTPEEKSAVTALWGKVNVDEVGGEALGRLLVVYPWTQRFFESFGDLSTPDAVMGNPKVKAHGKKVLGAFSDGLAHLD
NLKGTFATLSELHCDKLHVDPENFRLLGNVLVCVLAHHFGKEFTPPVQAAYQKVVAGVANALAHKYH
;
B,D
#
loop_
_chem_comp.id
_chem_comp.type
_chem_comp.name
_chem_comp.formula
CMO non-polymer 'CARBON MONOXIDE' 'C O'
HEM non-polymer 'PROTOPORPHYRIN IX CONTAINING FE' 'C34 H32 Fe N4 O4'
N1X non-polymer (2S)-2-(5-methylfuran-2-yl)oxane 'C10 H14 O2'
#
# COMPACT_ATOMS: atom_id res chain seq x y z
N VAL A 2 11.27 4.75 -8.67
CA VAL A 2 12.48 5.37 -9.22
C VAL A 2 12.15 6.15 -10.49
N LEU A 3 12.48 7.44 -10.48
CA LEU A 3 12.14 8.31 -11.59
C LEU A 3 13.11 8.12 -12.74
N SER A 4 12.58 7.91 -13.93
CA SER A 4 13.35 7.84 -15.15
C SER A 4 13.74 9.23 -15.58
N PRO A 5 14.67 9.36 -16.53
CA PRO A 5 14.94 10.69 -17.08
C PRO A 5 13.68 11.33 -17.66
N ALA A 6 12.81 10.53 -18.30
CA ALA A 6 11.56 11.07 -18.82
C ALA A 6 10.62 11.47 -17.68
N ASP A 7 10.54 10.68 -16.61
CA ASP A 7 9.72 11.07 -15.46
C ASP A 7 10.09 12.47 -14.99
N LYS A 8 11.40 12.74 -14.91
CA LYS A 8 11.87 14.01 -14.37
C LYS A 8 11.49 15.17 -15.28
N THR A 9 11.63 14.99 -16.61
CA THR A 9 11.27 16.07 -17.52
C THR A 9 9.76 16.24 -17.63
N ASN A 10 8.99 15.15 -17.50
CA ASN A 10 7.53 15.28 -17.42
C ASN A 10 7.11 16.09 -16.20
N VAL A 11 7.68 15.78 -15.04
CA VAL A 11 7.32 16.48 -13.82
C VAL A 11 7.72 17.95 -13.91
N LYS A 12 8.93 18.21 -14.43
CA LYS A 12 9.40 19.59 -14.53
C LYS A 12 8.49 20.42 -15.44
N ALA A 13 8.07 19.85 -16.57
CA ALA A 13 7.21 20.59 -17.48
C ALA A 13 5.83 20.85 -16.87
N ALA A 14 5.25 19.83 -16.25
CA ALA A 14 3.89 19.97 -15.75
C ALA A 14 3.85 20.81 -14.49
N TRP A 15 4.72 20.51 -13.52
CA TRP A 15 4.72 21.33 -12.31
C TRP A 15 5.14 22.75 -12.61
N GLY A 16 6.03 22.96 -13.59
CA GLY A 16 6.42 24.31 -13.95
C GLY A 16 5.27 25.17 -14.42
N LYS A 17 4.18 24.56 -14.88
CA LYS A 17 3.02 25.36 -15.25
C LYS A 17 2.25 25.90 -14.06
N VAL A 18 2.50 25.41 -12.84
CA VAL A 18 1.79 25.96 -11.68
C VAL A 18 2.08 27.44 -11.52
N GLY A 19 3.37 27.81 -11.54
CA GLY A 19 3.73 29.23 -11.54
C GLY A 19 3.18 29.97 -10.33
N ALA A 20 2.54 31.12 -10.59
CA ALA A 20 1.98 31.95 -9.54
C ALA A 20 0.75 31.32 -8.90
N HIS A 21 0.23 30.23 -9.44
CA HIS A 21 -0.90 29.52 -8.86
C HIS A 21 -0.50 28.60 -7.70
N ALA A 22 0.74 28.66 -7.23
CA ALA A 22 1.23 27.74 -6.19
C ALA A 22 0.30 27.70 -4.98
N GLY A 23 0.01 28.86 -4.39
CA GLY A 23 -0.83 28.88 -3.20
C GLY A 23 -2.25 28.46 -3.48
N GLU A 24 -2.83 28.93 -4.58
CA GLU A 24 -4.16 28.50 -5.00
C GLU A 24 -4.23 26.99 -5.12
N TYR A 25 -3.35 26.40 -5.93
CA TYR A 25 -3.45 24.97 -6.21
C TYR A 25 -3.16 24.15 -4.96
N GLY A 26 -2.11 24.51 -4.22
CA GLY A 26 -1.83 23.81 -2.96
C GLY A 26 -2.97 23.90 -1.97
N ALA A 27 -3.54 25.11 -1.80
CA ALA A 27 -4.72 25.26 -0.94
C ALA A 27 -5.85 24.36 -1.40
N GLU A 28 -6.14 24.37 -2.70
CA GLU A 28 -7.21 23.55 -3.24
C GLU A 28 -6.96 22.07 -3.00
N ALA A 29 -5.72 21.62 -3.16
CA ALA A 29 -5.40 20.22 -2.90
C ALA A 29 -5.69 19.86 -1.44
N LEU A 30 -5.31 20.75 -0.52
CA LEU A 30 -5.61 20.47 0.88
C LEU A 30 -7.12 20.47 1.13
N GLU A 31 -7.83 21.45 0.55
CA GLU A 31 -9.28 21.52 0.74
C GLU A 31 -9.96 20.28 0.21
N ARG A 32 -9.54 19.82 -0.98
CA ARG A 32 -10.04 18.55 -1.49
C ARG A 32 -9.78 17.43 -0.49
N MET A 33 -8.55 17.35 0.02
CA MET A 33 -8.20 16.28 0.96
C MET A 33 -9.06 16.34 2.21
N PHE A 34 -9.21 17.54 2.79
CA PHE A 34 -9.96 17.70 4.03
C PHE A 34 -11.44 17.36 3.85
N LEU A 35 -12.04 17.75 2.72
CA LEU A 35 -13.44 17.46 2.47
C LEU A 35 -13.68 16.00 2.09
N SER A 36 -12.84 15.46 1.20
CA SER A 36 -13.05 14.10 0.73
C SER A 36 -12.73 13.06 1.80
N PHE A 37 -11.68 13.30 2.58
CA PHE A 37 -11.15 12.32 3.55
C PHE A 37 -11.08 12.99 4.91
N PRO A 38 -12.20 13.13 5.60
CA PRO A 38 -12.23 13.87 6.87
C PRO A 38 -11.21 13.43 7.91
N THR A 39 -10.81 12.15 7.92
CA THR A 39 -9.85 11.72 8.92
C THR A 39 -8.51 12.45 8.81
N THR A 40 -8.16 12.94 7.62
CA THR A 40 -6.92 13.72 7.53
C THR A 40 -6.97 14.98 8.40
N LYS A 41 -8.14 15.50 8.70
CA LYS A 41 -8.20 16.72 9.52
C LYS A 41 -7.58 16.52 10.90
N THR A 42 -7.48 15.28 11.40
CA THR A 42 -7.01 15.11 12.77
C THR A 42 -5.53 15.41 12.93
N TYR A 43 -4.81 15.67 11.85
CA TYR A 43 -3.44 16.12 11.98
C TYR A 43 -3.35 17.62 12.16
N PHE A 44 -4.44 18.32 11.96
CA PHE A 44 -4.44 19.79 12.02
C PHE A 44 -5.46 20.30 13.03
N PRO A 45 -5.43 19.79 14.27
CA PRO A 45 -6.48 20.18 15.21
C PRO A 45 -6.37 21.64 15.62
N HIS A 46 -5.15 22.19 15.60
CA HIS A 46 -4.93 23.58 15.96
C HIS A 46 -5.23 24.53 14.82
N PHE A 47 -5.54 24.01 13.63
CA PHE A 47 -5.83 24.81 12.44
C PHE A 47 -7.30 25.22 12.39
N ASP A 48 -7.54 26.42 11.87
CA ASP A 48 -8.84 26.76 11.31
C ASP A 48 -8.95 26.07 9.96
N LEU A 49 -9.85 25.09 9.84
CA LEU A 49 -10.00 24.30 8.63
C LEU A 49 -11.31 24.59 7.90
N SER A 50 -11.99 25.68 8.24
CA SER A 50 -13.15 26.13 7.48
C SER A 50 -12.74 26.49 6.06
N HIS A 51 -13.70 26.47 5.14
CA HIS A 51 -13.36 26.76 3.76
C HIS A 51 -12.90 28.20 3.61
N GLY A 52 -11.95 28.40 2.69
CA GLY A 52 -11.42 29.74 2.51
C GLY A 52 -10.62 30.24 3.69
N SER A 53 -10.36 29.38 4.68
CA SER A 53 -9.53 29.75 5.82
C SER A 53 -8.21 30.33 5.35
N ALA A 54 -7.83 31.47 5.94
CA ALA A 54 -6.53 32.04 5.64
C ALA A 54 -5.40 31.09 6.03
N GLN A 55 -5.58 30.33 7.11
CA GLN A 55 -4.53 29.42 7.54
C GLN A 55 -4.34 28.29 6.54
N VAL A 56 -5.44 27.75 6.01
CA VAL A 56 -5.33 26.73 4.97
C VAL A 56 -4.68 27.29 3.71
N LYS A 57 -5.05 28.51 3.31
CA LYS A 57 -4.46 29.08 2.09
C LYS A 57 -2.96 29.29 2.25
N GLY A 58 -2.52 29.88 3.37
CA GLY A 58 -1.09 30.06 3.59
C GLY A 58 -0.36 28.74 3.70
N HIS A 59 -1.01 27.74 4.29
CA HIS A 59 -0.40 26.43 4.33
C HIS A 59 -0.34 25.80 2.96
N GLY A 60 -1.40 25.95 2.16
CA GLY A 60 -1.36 25.46 0.80
C GLY A 60 -0.15 25.97 0.04
N LYS A 61 0.26 27.22 0.31
CA LYS A 61 1.40 27.81 -0.37
C LYS A 61 2.72 27.15 0.05
N LYS A 62 2.84 26.83 1.34
CA LYS A 62 4.06 26.16 1.80
C LYS A 62 4.18 24.77 1.19
N VAL A 63 3.07 24.04 1.08
CA VAL A 63 3.06 22.73 0.44
C VAL A 63 3.54 22.82 -0.99
N ALA A 64 2.87 23.66 -1.77
CA ALA A 64 3.27 23.87 -3.16
C ALA A 64 4.75 24.22 -3.30
N ASP A 65 5.22 25.18 -2.50
CA ASP A 65 6.62 25.60 -2.63
C ASP A 65 7.57 24.46 -2.29
N ALA A 66 7.21 23.62 -1.32
CA ALA A 66 8.03 22.46 -1.01
C ALA A 66 8.10 21.51 -2.21
N LEU A 67 6.97 21.30 -2.89
CA LEU A 67 6.99 20.48 -4.10
C LEU A 67 7.87 21.10 -5.19
N THR A 68 7.75 22.42 -5.39
CA THR A 68 8.64 23.11 -6.32
C THR A 68 10.10 22.86 -5.97
N ASN A 69 10.43 22.91 -4.68
CA ASN A 69 11.81 22.65 -4.26
C ASN A 69 12.20 21.20 -4.53
N ALA A 70 11.27 20.27 -4.33
CA ALA A 70 11.56 18.86 -4.61
C ALA A 70 11.77 18.62 -6.11
N VAL A 71 10.96 19.25 -6.96
CA VAL A 71 11.19 19.16 -8.40
C VAL A 71 12.59 19.62 -8.76
N ALA A 72 13.06 20.69 -8.11
CA ALA A 72 14.39 21.22 -8.39
C ALA A 72 15.50 20.34 -7.84
N HIS A 73 15.20 19.50 -6.84
CA HIS A 73 16.19 18.61 -6.24
C HIS A 73 15.80 17.15 -6.43
N VAL A 74 15.24 16.85 -7.60
CA VAL A 74 14.70 15.52 -7.81
C VAL A 74 15.78 14.44 -7.73
N ASP A 75 17.06 14.81 -7.93
CA ASP A 75 18.15 13.85 -7.84
C ASP A 75 18.78 13.75 -6.46
N ASP A 76 18.40 14.59 -5.51
CA ASP A 76 18.91 14.42 -4.15
C ASP A 76 17.83 14.85 -3.15
N MET A 77 16.66 14.24 -3.28
CA MET A 77 15.51 14.59 -2.47
C MET A 77 15.72 14.28 -0.98
N PRO A 78 16.30 13.13 -0.61
CA PRO A 78 16.58 12.92 0.82
C PRO A 78 17.39 14.04 1.44
N ASN A 79 18.43 14.50 0.76
CA ASN A 79 19.21 15.63 1.25
C ASN A 79 18.36 16.90 1.34
N ALA A 80 17.61 17.21 0.28
CA ALA A 80 16.92 18.48 0.22
C ALA A 80 15.68 18.53 1.09
N LEU A 81 15.08 17.37 1.38
CA LEU A 81 13.82 17.31 2.11
C LEU A 81 13.99 16.89 3.57
N SER A 82 15.23 16.82 4.07
CA SER A 82 15.49 16.29 5.40
C SER A 82 14.68 17.00 6.47
N ALA A 83 14.58 18.32 6.40
CA ALA A 83 13.80 19.04 7.38
C ALA A 83 12.34 18.59 7.36
N LEU A 84 11.78 18.41 6.16
CA LEU A 84 10.39 17.99 6.09
C LEU A 84 10.20 16.55 6.58
N SER A 85 11.19 15.69 6.36
CA SER A 85 11.12 14.33 6.90
C SER A 85 11.13 14.37 8.41
N ASP A 86 11.96 15.23 8.99
CA ASP A 86 12.00 15.32 10.45
C ASP A 86 10.63 15.71 10.98
N LEU A 87 9.95 16.64 10.30
CA LEU A 87 8.62 17.08 10.74
C LEU A 87 7.57 15.98 10.60
N HIS A 88 7.47 15.37 9.40
CA HIS A 88 6.36 14.46 9.12
C HIS A 88 6.62 13.04 9.65
N ALA A 89 7.87 12.60 9.63
CA ALA A 89 8.20 11.25 10.10
C ALA A 89 8.51 11.19 11.60
N HIS A 90 9.45 12.03 12.05
CA HIS A 90 9.87 11.96 13.45
C HIS A 90 8.83 12.56 14.38
N LYS A 91 8.35 13.78 14.09
CA LYS A 91 7.54 14.55 15.03
C LYS A 91 6.04 14.29 14.87
N LEU A 92 5.53 14.36 13.63
CA LEU A 92 4.10 14.21 13.43
C LEU A 92 3.66 12.76 13.33
N ARG A 93 4.56 11.87 12.91
CA ARG A 93 4.25 10.46 12.71
C ARG A 93 2.98 10.30 11.87
N VAL A 94 3.00 10.90 10.68
CA VAL A 94 1.86 10.81 9.77
C VAL A 94 1.79 9.40 9.19
N ASP A 95 0.60 8.80 9.24
CA ASP A 95 0.42 7.49 8.62
C ASP A 95 0.57 7.61 7.11
N PRO A 96 1.44 6.80 6.47
CA PRO A 96 1.67 6.90 5.02
C PRO A 96 0.40 6.90 4.18
N VAL A 97 -0.70 6.32 4.68
CA VAL A 97 -1.92 6.34 3.87
C VAL A 97 -2.36 7.77 3.56
N ASN A 98 -2.13 8.71 4.50
CA ASN A 98 -2.58 10.08 4.26
C ASN A 98 -1.79 10.74 3.16
N PHE A 99 -0.54 10.31 2.95
CA PHE A 99 0.23 10.83 1.83
C PHE A 99 -0.35 10.37 0.51
N LYS A 100 -0.89 9.14 0.46
CA LYS A 100 -1.57 8.70 -0.75
C LYS A 100 -2.81 9.55 -1.03
N LEU A 101 -3.54 9.92 0.02
CA LEU A 101 -4.74 10.73 -0.15
C LEU A 101 -4.39 12.13 -0.66
N LEU A 102 -3.39 12.77 -0.04
CA LEU A 102 -3.01 14.10 -0.52
C LEU A 102 -2.43 14.03 -1.92
N SER A 103 -1.63 12.98 -2.21
CA SER A 103 -1.09 12.82 -3.56
C SER A 103 -2.20 12.73 -4.59
N HIS A 104 -3.22 11.90 -4.32
CA HIS A 104 -4.39 11.82 -5.19
C HIS A 104 -5.02 13.20 -5.39
N CYS A 105 -5.21 13.95 -4.31
CA CYS A 105 -5.86 15.26 -4.40
C CYS A 105 -5.00 16.26 -5.17
N LEU A 106 -3.68 16.13 -5.10
CA LEU A 106 -2.82 16.96 -5.93
C LEU A 106 -2.97 16.61 -7.41
N LEU A 107 -3.11 15.32 -7.72
CA LEU A 107 -3.33 14.94 -9.10
C LEU A 107 -4.67 15.47 -9.59
N VAL A 108 -5.72 15.36 -8.77
CA VAL A 108 -7.04 15.84 -9.16
C VAL A 108 -6.99 17.33 -9.44
N THR A 109 -6.29 18.09 -8.58
CA THR A 109 -6.16 19.52 -8.79
C THR A 109 -5.40 19.84 -10.08
N LEU A 110 -4.32 19.12 -10.36
CA LEU A 110 -3.58 19.35 -11.59
C LEU A 110 -4.43 19.01 -12.83
N ALA A 111 -5.14 17.88 -12.78
CA ALA A 111 -6.02 17.51 -13.89
C ALA A 111 -7.10 18.57 -14.12
N ALA A 112 -7.64 19.16 -13.04
CA ALA A 112 -8.73 20.11 -13.17
C ALA A 112 -8.27 21.45 -13.72
N HIS A 113 -7.02 21.85 -13.44
CA HIS A 113 -6.52 23.14 -13.86
C HIS A 113 -5.62 23.11 -15.08
N LEU A 114 -5.02 21.96 -15.39
CA LEU A 114 -4.00 21.86 -16.43
C LEU A 114 -4.29 20.67 -17.35
N PRO A 115 -5.46 20.65 -17.99
CA PRO A 115 -5.84 19.46 -18.78
C PRO A 115 -4.86 19.12 -19.88
N ALA A 116 -4.21 20.13 -20.48
CA ALA A 116 -3.26 19.87 -21.56
C ALA A 116 -1.98 19.25 -21.04
N GLU A 117 -1.62 19.54 -19.78
CA GLU A 117 -0.44 18.94 -19.19
C GLU A 117 -0.68 17.51 -18.74
N PHE A 118 -1.91 17.19 -18.37
CA PHE A 118 -2.20 15.96 -17.63
C PHE A 118 -2.50 14.81 -18.61
N THR A 119 -1.51 14.51 -19.45
CA THR A 119 -1.57 13.34 -20.34
C THR A 119 -1.35 12.06 -19.53
N PRO A 120 -1.66 10.89 -20.12
CA PRO A 120 -1.46 9.64 -19.38
C PRO A 120 -0.02 9.40 -18.93
N ALA A 121 0.98 9.66 -19.78
CA ALA A 121 2.36 9.48 -19.33
C ALA A 121 2.73 10.49 -18.25
N VAL A 122 2.27 11.73 -18.36
CA VAL A 122 2.60 12.75 -17.38
C VAL A 122 1.89 12.44 -16.05
N HIS A 123 0.66 11.95 -16.14
CA HIS A 123 -0.06 11.46 -14.96
C HIS A 123 0.75 10.36 -14.26
N ALA A 124 1.35 9.44 -15.03
CA ALA A 124 2.13 8.38 -14.40
C ALA A 124 3.39 8.92 -13.75
N SER A 125 4.07 9.87 -14.39
CA SER A 125 5.29 10.44 -13.80
C SER A 125 4.97 11.23 -12.53
N LEU A 126 3.91 12.03 -12.57
CA LEU A 126 3.53 12.82 -11.40
C LEU A 126 3.18 11.92 -10.23
N ASP A 127 2.53 10.79 -10.51
CA ASP A 127 2.20 9.84 -9.45
C ASP A 127 3.46 9.27 -8.81
N LYS A 128 4.45 8.88 -9.63
CA LYS A 128 5.69 8.35 -9.09
C LYS A 128 6.46 9.42 -8.33
N PHE A 129 6.50 10.63 -8.87
CA PHE A 129 7.13 11.74 -8.18
C PHE A 129 6.53 11.94 -6.79
N LEU A 130 5.19 12.01 -6.71
CA LEU A 130 4.55 12.23 -5.42
C LEU A 130 4.78 11.06 -4.47
N ALA A 131 4.76 9.83 -4.99
CA ALA A 131 5.12 8.67 -4.17
C ALA A 131 6.54 8.77 -3.63
N SER A 132 7.48 9.26 -4.43
CA SER A 132 8.87 9.38 -3.97
CA SER A 132 8.86 9.37 -3.97
C SER A 132 9.00 10.45 -2.90
N VAL A 133 8.35 11.62 -3.10
CA VAL A 133 8.30 12.63 -2.05
C VAL A 133 7.70 12.04 -0.78
N SER A 134 6.62 11.26 -0.92
CA SER A 134 5.95 10.70 0.24
C SER A 134 6.86 9.74 0.99
N THR A 135 7.64 8.94 0.27
CA THR A 135 8.57 8.01 0.91
C THR A 135 9.62 8.74 1.74
N VAL A 136 10.17 9.83 1.21
CA VAL A 136 11.16 10.60 1.96
C VAL A 136 10.52 11.16 3.23
N LEU A 137 9.37 11.83 3.09
CA LEU A 137 8.75 12.50 4.25
C LEU A 137 8.24 11.53 5.30
N THR A 138 8.13 10.23 5.00
CA THR A 138 7.67 9.28 5.99
C THR A 138 8.76 8.35 6.51
N SER A 139 9.99 8.46 6.00
CA SER A 139 11.08 7.61 6.45
CA SER A 139 11.10 7.62 6.43
C SER A 139 11.98 8.36 7.42
N LYS A 140 12.44 7.64 8.45
CA LYS A 140 13.42 8.17 9.40
C LYS A 140 14.79 7.67 8.94
N TYR A 141 15.57 8.57 8.32
CA TYR A 141 16.81 8.15 7.68
C TYR A 141 18.02 8.92 8.24
N ARG A 142 17.86 9.57 9.38
CA ARG A 142 19.00 10.15 10.07
C ARG A 142 18.95 9.66 11.51
N VAL B 2 -23.72 3.73 0.76
CA VAL B 2 -23.15 5.08 0.85
C VAL B 2 -24.27 6.10 1.09
N HIS B 3 -23.98 7.15 1.86
CA HIS B 3 -24.96 8.19 2.10
C HIS B 3 -24.47 9.50 1.52
N LEU B 4 -25.07 9.90 0.41
CA LEU B 4 -24.97 11.25 -0.08
C LEU B 4 -26.08 12.09 0.53
N THR B 5 -25.77 13.31 0.93
CA THR B 5 -26.83 14.24 1.23
C THR B 5 -27.66 14.47 -0.02
N PRO B 6 -28.88 15.00 0.12
CA PRO B 6 -29.64 15.36 -1.09
C PRO B 6 -28.93 16.38 -1.96
N GLU B 7 -28.12 17.25 -1.35
CA GLU B 7 -27.34 18.21 -2.12
C GLU B 7 -26.24 17.50 -2.91
N GLU B 8 -25.52 16.58 -2.26
CA GLU B 8 -24.50 15.79 -2.94
C GLU B 8 -25.11 14.94 -4.05
N LYS B 9 -26.25 14.31 -3.80
CA LYS B 9 -26.85 13.45 -4.81
C LYS B 9 -27.19 14.25 -6.06
N SER B 10 -27.78 15.44 -5.89
CA SER B 10 -28.09 16.30 -7.04
C SER B 10 -26.83 16.67 -7.81
N ALA B 11 -25.77 17.04 -7.09
CA ALA B 11 -24.54 17.47 -7.77
C ALA B 11 -23.88 16.31 -8.51
N VAL B 12 -23.81 15.14 -7.89
CA VAL B 12 -23.29 13.94 -8.55
C VAL B 12 -24.08 13.65 -9.82
N THR B 13 -25.41 13.55 -9.68
CA THR B 13 -26.28 13.22 -10.79
C THR B 13 -26.17 14.24 -11.93
N ALA B 14 -26.18 15.53 -11.60
CA ALA B 14 -26.00 16.56 -12.62
C ALA B 14 -24.73 16.32 -13.41
N LEU B 15 -23.60 16.13 -12.72
CA LEU B 15 -22.34 15.97 -13.44
C LEU B 15 -22.31 14.66 -14.24
N TRP B 16 -22.84 13.58 -13.66
CA TRP B 16 -22.79 12.29 -14.36
C TRP B 16 -23.64 12.31 -15.63
N GLY B 17 -24.70 13.10 -15.64
CA GLY B 17 -25.53 13.18 -16.83
C GLY B 17 -24.83 13.76 -18.03
N LYS B 18 -23.72 14.49 -17.82
CA LYS B 18 -22.95 15.09 -18.90
C LYS B 18 -21.76 14.24 -19.33
N VAL B 19 -21.52 13.12 -18.63
CA VAL B 19 -20.33 12.31 -18.89
C VAL B 19 -20.39 11.72 -20.28
N ASN B 20 -19.31 11.86 -21.04
CA ASN B 20 -19.20 11.24 -22.36
C ASN B 20 -19.05 9.73 -22.16
N VAL B 21 -20.15 8.99 -22.33
CA VAL B 21 -20.11 7.56 -22.04
C VAL B 21 -19.30 6.79 -23.06
N ASP B 22 -18.97 7.40 -24.20
CA ASP B 22 -18.11 6.74 -25.18
C ASP B 22 -16.64 6.80 -24.82
N GLU B 23 -16.21 7.78 -24.01
CA GLU B 23 -14.78 8.00 -23.80
C GLU B 23 -14.33 7.90 -22.35
N VAL B 24 -15.15 8.37 -21.40
CA VAL B 24 -14.65 8.54 -20.03
C VAL B 24 -14.19 7.20 -19.45
N GLY B 25 -14.97 6.15 -19.65
CA GLY B 25 -14.60 4.85 -19.11
C GLY B 25 -13.32 4.30 -19.72
N GLY B 26 -13.16 4.45 -21.05
CA GLY B 26 -11.93 3.99 -21.67
C GLY B 26 -10.72 4.80 -21.23
N GLU B 27 -10.91 6.08 -20.94
CA GLU B 27 -9.82 6.91 -20.44
C GLU B 27 -9.43 6.49 -19.02
N ALA B 28 -10.40 6.14 -18.18
CA ALA B 28 -10.06 5.71 -16.84
C ALA B 28 -9.33 4.37 -16.87
N LEU B 29 -9.89 3.39 -17.58
CA LEU B 29 -9.22 2.09 -17.69
C LEU B 29 -7.84 2.23 -18.35
N GLY B 30 -7.75 3.02 -19.42
CA GLY B 30 -6.47 3.27 -20.06
C GLY B 30 -5.44 3.82 -19.09
N ARG B 31 -5.81 4.88 -18.36
CA ARG B 31 -4.88 5.47 -17.39
C ARG B 31 -4.49 4.47 -16.31
N LEU B 32 -5.43 3.64 -15.86
CA LEU B 32 -5.08 2.60 -14.92
C LEU B 32 -3.94 1.73 -15.45
N LEU B 33 -4.06 1.31 -16.71
CA LEU B 33 -3.06 0.44 -17.30
C LEU B 33 -1.74 1.16 -17.51
N VAL B 34 -1.77 2.48 -17.73
CA VAL B 34 -0.54 3.26 -17.94
C VAL B 34 0.13 3.59 -16.61
N VAL B 35 -0.66 4.10 -15.67
CA VAL B 35 -0.10 4.55 -14.39
C VAL B 35 0.27 3.36 -13.49
N TYR B 36 -0.46 2.26 -13.59
CA TYR B 36 -0.20 1.07 -12.78
C TYR B 36 0.03 -0.12 -13.69
N PRO B 37 1.21 -0.20 -14.33
CA PRO B 37 1.39 -1.13 -15.47
C PRO B 37 1.10 -2.59 -15.16
N TRP B 38 1.29 -3.03 -13.91
CA TRP B 38 1.03 -4.42 -13.61
C TRP B 38 -0.43 -4.80 -13.86
N THR B 39 -1.34 -3.82 -13.88
CA THR B 39 -2.73 -4.13 -14.16
C THR B 39 -2.93 -4.62 -15.60
N GLN B 40 -1.96 -4.36 -16.49
CA GLN B 40 -2.00 -4.89 -17.84
C GLN B 40 -1.98 -6.42 -17.88
N ARG B 41 -1.43 -7.07 -16.85
CA ARG B 41 -1.41 -8.54 -16.81
C ARG B 41 -2.80 -9.14 -16.84
N PHE B 42 -3.82 -8.38 -16.49
CA PHE B 42 -5.18 -8.91 -16.51
C PHE B 42 -5.82 -8.83 -17.89
N PHE B 43 -5.14 -8.22 -18.86
CA PHE B 43 -5.70 -7.89 -20.17
C PHE B 43 -4.77 -8.35 -21.30
N GLU B 44 -4.25 -9.57 -21.19
CA GLU B 44 -3.35 -10.08 -22.23
C GLU B 44 -4.03 -10.13 -23.59
N SER B 45 -5.31 -10.48 -23.64
CA SER B 45 -6.00 -10.63 -24.91
C SER B 45 -6.45 -9.30 -25.51
N PHE B 46 -6.08 -8.16 -24.95
CA PHE B 46 -6.50 -6.88 -25.47
C PHE B 46 -5.56 -6.33 -26.53
N GLY B 47 -4.55 -7.10 -26.92
CA GLY B 47 -3.67 -6.65 -27.98
C GLY B 47 -2.58 -5.72 -27.50
N ASP B 48 -2.34 -4.66 -28.26
CA ASP B 48 -1.19 -3.78 -28.06
C ASP B 48 -1.42 -2.88 -26.86
N LEU B 49 -0.71 -3.17 -25.76
CA LEU B 49 -0.67 -2.32 -24.58
C LEU B 49 0.72 -1.76 -24.35
N SER B 50 1.56 -1.76 -25.39
CA SER B 50 3.00 -1.62 -25.20
C SER B 50 3.45 -0.18 -24.96
N THR B 51 2.67 0.81 -25.37
CA THR B 51 2.99 2.22 -25.13
C THR B 51 1.74 2.93 -24.64
N PRO B 52 1.89 4.08 -23.97
CA PRO B 52 0.67 4.80 -23.53
C PRO B 52 -0.29 5.14 -24.67
N ASP B 53 0.22 5.67 -25.80
CA ASP B 53 -0.63 5.97 -26.94
C ASP B 53 -1.36 4.72 -27.43
N ALA B 54 -0.69 3.57 -27.43
CA ALA B 54 -1.35 2.34 -27.85
C ALA B 54 -2.43 1.93 -26.87
N VAL B 55 -2.17 2.06 -25.56
CA VAL B 55 -3.18 1.68 -24.57
C VAL B 55 -4.43 2.53 -24.74
N MET B 56 -4.25 3.86 -24.78
CA MET B 56 -5.39 4.78 -24.77
C MET B 56 -6.22 4.67 -26.06
N GLY B 57 -5.57 4.40 -27.19
CA GLY B 57 -6.28 4.27 -28.45
C GLY B 57 -6.81 2.89 -28.74
N ASN B 58 -6.52 1.92 -27.88
CA ASN B 58 -6.87 0.53 -28.17
C ASN B 58 -8.38 0.35 -28.14
N PRO B 59 -8.98 -0.09 -29.24
CA PRO B 59 -10.45 -0.22 -29.24
C PRO B 59 -10.97 -1.19 -28.19
N LYS B 60 -10.20 -2.23 -27.84
CA LYS B 60 -10.66 -3.14 -26.79
C LYS B 60 -10.64 -2.46 -25.42
N VAL B 61 -9.67 -1.57 -25.19
CA VAL B 61 -9.64 -0.79 -23.96
C VAL B 61 -10.84 0.16 -23.90
N LYS B 62 -11.10 0.87 -25.00
CA LYS B 62 -12.25 1.77 -25.03
C LYS B 62 -13.56 1.02 -24.80
N ALA B 63 -13.73 -0.12 -25.48
CA ALA B 63 -14.97 -0.88 -25.33
C ALA B 63 -15.12 -1.43 -23.92
N HIS B 64 -14.03 -1.89 -23.33
CA HIS B 64 -14.15 -2.45 -21.99
C HIS B 64 -14.34 -1.36 -20.94
N GLY B 65 -13.61 -0.25 -21.08
CA GLY B 65 -13.86 0.91 -20.22
C GLY B 65 -15.31 1.37 -20.25
N LYS B 66 -15.98 1.26 -21.40
CA LYS B 66 -17.38 1.61 -21.45
C LYS B 66 -18.21 0.69 -20.56
N LYS B 67 -17.86 -0.59 -20.50
CA LYS B 67 -18.55 -1.49 -19.58
C LYS B 67 -18.31 -1.07 -18.13
N VAL B 68 -17.07 -0.71 -17.80
CA VAL B 68 -16.76 -0.27 -16.44
C VAL B 68 -17.64 0.91 -16.05
N LEU B 69 -17.68 1.92 -16.93
CA LEU B 69 -18.50 3.11 -16.67
C LEU B 69 -19.96 2.72 -16.46
N GLY B 70 -20.45 1.76 -17.24
CA GLY B 70 -21.80 1.27 -17.04
C GLY B 70 -21.99 0.61 -15.68
N ALA B 71 -20.95 -0.06 -15.17
CA ALA B 71 -21.05 -0.59 -13.82
C ALA B 71 -21.15 0.53 -12.78
N PHE B 72 -20.38 1.61 -12.95
CA PHE B 72 -20.50 2.76 -12.06
C PHE B 72 -21.87 3.42 -12.18
N SER B 73 -22.39 3.57 -13.42
CA SER B 73 -23.74 4.11 -13.59
C SER B 73 -24.77 3.27 -12.86
N ASP B 74 -24.65 1.94 -12.95
CA ASP B 74 -25.57 1.05 -12.24
C ASP B 74 -25.43 1.21 -10.73
N GLY B 75 -24.21 1.40 -10.23
CA GLY B 75 -24.05 1.66 -8.80
C GLY B 75 -24.69 2.97 -8.40
N LEU B 76 -24.48 4.03 -9.19
CA LEU B 76 -25.10 5.31 -8.93
C LEU B 76 -26.61 5.20 -8.82
N ALA B 77 -27.21 4.33 -9.63
CA ALA B 77 -28.65 4.14 -9.61
C ALA B 77 -29.11 3.18 -8.51
N HIS B 78 -28.19 2.67 -7.69
CA HIS B 78 -28.53 1.71 -6.64
C HIS B 78 -27.62 1.91 -5.44
N LEU B 79 -27.43 3.17 -5.03
CA LEU B 79 -26.56 3.49 -3.91
C LEU B 79 -27.01 2.82 -2.61
N ASP B 80 -28.28 2.42 -2.50
CA ASP B 80 -28.76 1.76 -1.30
C ASP B 80 -28.49 0.26 -1.28
N ASN B 81 -28.01 -0.34 -2.39
CA ASN B 81 -27.59 -1.73 -2.28
C ASN B 81 -26.48 -1.98 -3.31
N LEU B 82 -25.27 -1.53 -2.95
CA LEU B 82 -24.14 -1.77 -3.81
C LEU B 82 -23.70 -3.22 -3.76
N LYS B 83 -23.83 -3.86 -2.60
CA LYS B 83 -23.40 -5.25 -2.49
C LYS B 83 -24.26 -6.14 -3.39
N GLY B 84 -25.57 -5.93 -3.41
CA GLY B 84 -26.41 -6.72 -4.29
C GLY B 84 -26.19 -6.39 -5.75
N THR B 85 -26.10 -5.08 -6.07
CA THR B 85 -25.89 -4.68 -7.46
C THR B 85 -24.59 -5.27 -8.01
N PHE B 86 -23.56 -5.44 -7.18
CA PHE B 86 -22.25 -5.88 -7.64
C PHE B 86 -21.88 -7.31 -7.24
N ALA B 87 -22.83 -8.12 -6.77
CA ALA B 87 -22.47 -9.46 -6.30
C ALA B 87 -21.86 -10.31 -7.41
N THR B 88 -22.48 -10.31 -8.59
CA THR B 88 -21.95 -11.09 -9.71
C THR B 88 -20.55 -10.62 -10.09
N LEU B 89 -20.36 -9.30 -10.22
CA LEU B 89 -19.05 -8.77 -10.58
C LEU B 89 -18.01 -9.09 -9.52
N SER B 90 -18.40 -9.05 -8.23
CA SER B 90 -17.45 -9.35 -7.16
C SER B 90 -17.01 -10.80 -7.22
N GLU B 91 -17.96 -11.72 -7.42
CA GLU B 91 -17.61 -13.10 -7.68
C GLU B 91 -16.60 -13.21 -8.83
N LEU B 92 -16.85 -12.48 -9.92
CA LEU B 92 -15.93 -12.51 -11.05
C LEU B 92 -14.56 -11.95 -10.67
N HIS B 93 -14.52 -10.76 -10.05
CA HIS B 93 -13.24 -10.10 -9.86
C HIS B 93 -12.42 -10.74 -8.75
N CYS B 94 -13.08 -11.29 -7.73
CA CYS B 94 -12.37 -11.83 -6.56
C CYS B 94 -12.05 -13.31 -6.73
N ASP B 95 -13.08 -14.15 -6.88
CA ASP B 95 -12.89 -15.59 -6.94
C ASP B 95 -12.24 -16.03 -8.25
N LYS B 96 -12.54 -15.37 -9.38
CA LYS B 96 -12.03 -15.82 -10.67
C LYS B 96 -10.73 -15.11 -11.07
N LEU B 97 -10.75 -13.77 -11.11
CA LEU B 97 -9.58 -13.04 -11.59
C LEU B 97 -8.53 -12.81 -10.51
N HIS B 98 -8.92 -12.85 -9.24
CA HIS B 98 -8.02 -12.62 -8.11
C HIS B 98 -7.36 -11.24 -8.20
N VAL B 99 -8.17 -10.24 -8.54
CA VAL B 99 -7.70 -8.86 -8.51
C VAL B 99 -7.49 -8.44 -7.07
N ASP B 100 -6.32 -7.91 -6.76
CA ASP B 100 -6.06 -7.42 -5.42
C ASP B 100 -6.96 -6.22 -5.15
N PRO B 101 -7.69 -6.20 -4.04
CA PRO B 101 -8.67 -5.11 -3.81
C PRO B 101 -8.07 -3.71 -3.82
N GLU B 102 -6.76 -3.56 -3.56
CA GLU B 102 -6.16 -2.24 -3.67
C GLU B 102 -6.30 -1.68 -5.08
N ASN B 103 -6.34 -2.56 -6.08
CA ASN B 103 -6.50 -2.09 -7.45
C ASN B 103 -7.91 -1.56 -7.71
N PHE B 104 -8.93 -2.10 -7.02
CA PHE B 104 -10.28 -1.52 -7.12
C PHE B 104 -10.28 -0.06 -6.70
N ARG B 105 -9.54 0.25 -5.64
CA ARG B 105 -9.48 1.63 -5.15
C ARG B 105 -8.71 2.51 -6.12
N LEU B 106 -7.62 1.99 -6.67
CA LEU B 106 -6.84 2.76 -7.64
C LEU B 106 -7.70 3.17 -8.83
N LEU B 107 -8.45 2.21 -9.39
CA LEU B 107 -9.30 2.51 -10.56
C LEU B 107 -10.38 3.52 -10.22
N GLY B 108 -11.02 3.38 -9.07
CA GLY B 108 -11.99 4.38 -8.65
C GLY B 108 -11.37 5.77 -8.59
N ASN B 109 -10.16 5.88 -8.05
CA ASN B 109 -9.50 7.19 -7.98
C ASN B 109 -9.01 7.65 -9.35
N VAL B 110 -8.61 6.73 -10.23
CA VAL B 110 -8.30 7.15 -11.60
C VAL B 110 -9.55 7.72 -12.26
N LEU B 111 -10.70 7.07 -12.07
CA LEU B 111 -11.95 7.63 -12.57
C LEU B 111 -12.13 9.06 -12.06
N VAL B 112 -11.84 9.29 -10.78
CA VAL B 112 -12.01 10.64 -10.25
C VAL B 112 -11.10 11.63 -10.97
N CYS B 113 -9.86 11.23 -11.25
CA CYS B 113 -8.95 12.09 -12.01
C CYS B 113 -9.49 12.39 -13.40
N VAL B 114 -10.13 11.41 -14.04
CA VAL B 114 -10.64 11.61 -15.40
C VAL B 114 -11.83 12.57 -15.39
N LEU B 115 -12.72 12.43 -14.40
CA LEU B 115 -13.79 13.40 -14.25
C LEU B 115 -13.24 14.80 -14.02
N ALA B 116 -12.24 14.93 -13.14
CA ALA B 116 -11.56 16.22 -12.95
C ALA B 116 -11.00 16.72 -14.26
N HIS B 117 -10.41 15.83 -15.05
CA HIS B 117 -9.78 16.21 -16.29
C HIS B 117 -10.80 16.73 -17.30
N HIS B 118 -11.95 16.06 -17.38
CA HIS B 118 -12.99 16.42 -18.34
C HIS B 118 -13.75 17.67 -17.92
N PHE B 119 -14.06 17.81 -16.64
CA PHE B 119 -14.95 18.89 -16.20
C PHE B 119 -14.24 20.11 -15.61
N GLY B 120 -12.93 20.05 -15.39
CA GLY B 120 -12.21 21.24 -14.95
C GLY B 120 -12.78 21.83 -13.67
N LYS B 121 -12.95 23.15 -13.65
CA LYS B 121 -13.41 23.82 -12.43
C LYS B 121 -14.80 23.36 -11.99
N GLU B 122 -15.60 22.78 -12.89
CA GLU B 122 -16.89 22.24 -12.47
C GLU B 122 -16.74 21.06 -11.51
N PHE B 123 -15.57 20.42 -11.46
CA PHE B 123 -15.32 19.32 -10.53
C PHE B 123 -14.76 19.89 -9.21
N THR B 124 -15.64 20.59 -8.49
CA THR B 124 -15.26 21.29 -7.27
C THR B 124 -14.83 20.32 -6.18
N PRO B 125 -14.19 20.80 -5.10
CA PRO B 125 -13.87 19.92 -3.98
C PRO B 125 -15.11 19.26 -3.40
N PRO B 126 -16.25 19.97 -3.21
CA PRO B 126 -17.44 19.26 -2.70
C PRO B 126 -17.98 18.21 -3.66
N VAL B 127 -17.94 18.48 -4.97
CA VAL B 127 -18.34 17.46 -5.94
C VAL B 127 -17.44 16.24 -5.83
N GLN B 128 -16.13 16.47 -5.69
CA GLN B 128 -15.18 15.37 -5.55
C GLN B 128 -15.47 14.55 -4.29
N ALA B 129 -15.67 15.22 -3.16
CA ALA B 129 -15.96 14.51 -1.92
C ALA B 129 -17.16 13.57 -2.09
N ALA B 130 -18.20 14.04 -2.79
CA ALA B 130 -19.35 13.21 -3.08
C ALA B 130 -18.96 12.01 -3.93
N TYR B 131 -18.20 12.26 -4.99
CA TYR B 131 -17.74 11.15 -5.83
C TYR B 131 -16.80 10.22 -5.08
N GLN B 132 -16.01 10.74 -4.12
CA GLN B 132 -15.14 9.84 -3.39
C GLN B 132 -15.95 8.84 -2.56
N LYS B 133 -17.10 9.26 -2.05
CA LYS B 133 -17.96 8.32 -1.36
C LYS B 133 -18.48 7.25 -2.31
N VAL B 134 -18.81 7.63 -3.55
CA VAL B 134 -19.32 6.66 -4.52
C VAL B 134 -18.25 5.62 -4.85
N VAL B 135 -17.06 6.08 -5.26
CA VAL B 135 -16.05 5.13 -5.71
C VAL B 135 -15.59 4.23 -4.57
N ALA B 136 -15.51 4.78 -3.34
CA ALA B 136 -15.21 3.90 -2.21
C ALA B 136 -16.32 2.87 -2.02
N GLY B 137 -17.58 3.29 -2.16
CA GLY B 137 -18.68 2.34 -2.07
C GLY B 137 -18.60 1.27 -3.14
N VAL B 138 -18.27 1.65 -4.36
CA VAL B 138 -18.19 0.66 -5.43
C VAL B 138 -17.01 -0.28 -5.18
N ALA B 139 -15.86 0.27 -4.81
CA ALA B 139 -14.69 -0.56 -4.58
C ALA B 139 -14.95 -1.56 -3.47
N ASN B 140 -15.60 -1.11 -2.39
CA ASN B 140 -15.94 -2.00 -1.28
C ASN B 140 -16.88 -3.10 -1.74
N ALA B 141 -17.92 -2.74 -2.51
CA ALA B 141 -18.87 -3.74 -3.00
C ALA B 141 -18.20 -4.75 -3.92
N LEU B 142 -17.30 -4.28 -4.79
CA LEU B 142 -16.56 -5.20 -5.66
C LEU B 142 -15.66 -6.13 -4.87
N ALA B 143 -15.22 -5.71 -3.68
CA ALA B 143 -14.35 -6.52 -2.85
C ALA B 143 -15.10 -7.45 -1.90
N HIS B 144 -16.43 -7.41 -1.90
CA HIS B 144 -17.23 -8.07 -0.87
C HIS B 144 -16.93 -9.55 -0.73
N LYS B 145 -16.81 -10.26 -1.86
CA LYS B 145 -16.57 -11.70 -1.80
C LYS B 145 -15.22 -12.06 -1.19
N TYR B 146 -14.36 -11.07 -0.96
CA TYR B 146 -13.18 -11.28 -0.14
C TYR B 146 -13.52 -11.24 1.35
N HIS B 147 -14.49 -10.40 1.73
CA HIS B 147 -14.79 -10.11 3.11
C HIS B 147 -15.48 -11.26 3.82
N VAL C 2 13.81 5.38 2.69
CA VAL C 2 15.18 5.87 2.70
C VAL C 2 15.98 5.25 3.85
N LEU C 3 17.14 4.68 3.54
CA LEU C 3 17.92 3.96 4.54
C LEU C 3 18.83 4.91 5.32
N SER C 4 18.76 4.84 6.64
CA SER C 4 19.68 5.56 7.52
C SER C 4 21.03 4.86 7.51
N PRO C 5 22.09 5.51 8.02
CA PRO C 5 23.36 4.77 8.18
C PRO C 5 23.20 3.57 9.08
N ALA C 6 22.37 3.67 10.11
CA ALA C 6 22.20 2.53 11.00
C ALA C 6 21.49 1.40 10.27
N ASP C 7 20.54 1.75 9.39
CA ASP C 7 19.87 0.75 8.56
C ASP C 7 20.87 0.00 7.70
N LYS C 8 21.74 0.73 7.00
CA LYS C 8 22.73 0.07 6.15
C LYS C 8 23.65 -0.80 6.98
N THR C 9 24.04 -0.32 8.16
CA THR C 9 24.88 -1.09 9.06
C THR C 9 24.16 -2.38 9.49
N ASN C 10 22.89 -2.27 9.85
CA ASN C 10 22.13 -3.44 10.29
C ASN C 10 21.93 -4.44 9.14
N VAL C 11 21.59 -3.94 7.96
CA VAL C 11 21.34 -4.87 6.85
C VAL C 11 22.63 -5.61 6.51
N LYS C 12 23.74 -4.88 6.37
CA LYS C 12 24.99 -5.51 5.99
C LYS C 12 25.39 -6.59 7.00
N ALA C 13 25.22 -6.31 8.29
CA ALA C 13 25.65 -7.27 9.31
C ALA C 13 24.74 -8.50 9.35
N ALA C 14 23.43 -8.31 9.25
CA ALA C 14 22.52 -9.46 9.29
C ALA C 14 22.63 -10.30 8.02
N TRP C 15 22.64 -9.65 6.86
CA TRP C 15 22.75 -10.41 5.62
C TRP C 15 24.12 -11.05 5.50
N GLY C 16 25.15 -10.41 6.05
CA GLY C 16 26.45 -11.05 6.11
C GLY C 16 26.41 -12.41 6.78
N LYS C 17 25.57 -12.56 7.82
CA LYS C 17 25.42 -13.82 8.54
C LYS C 17 24.70 -14.90 7.73
N VAL C 18 24.06 -14.54 6.61
CA VAL C 18 23.42 -15.54 5.76
C VAL C 18 24.47 -16.40 5.08
N GLY C 19 25.46 -15.77 4.48
CA GLY C 19 26.62 -16.45 3.92
C GLY C 19 26.34 -17.60 2.97
N ALA C 20 26.79 -18.80 3.34
CA ALA C 20 26.66 -19.96 2.47
C ALA C 20 25.25 -20.52 2.42
N HIS C 21 24.34 -20.02 3.27
CA HIS C 21 22.94 -20.44 3.32
C HIS C 21 22.04 -19.64 2.39
N ALA C 22 22.62 -18.85 1.50
CA ALA C 22 21.82 -17.93 0.67
C ALA C 22 20.81 -18.69 -0.16
N GLY C 23 21.27 -19.66 -0.96
CA GLY C 23 20.34 -20.44 -1.76
C GLY C 23 19.30 -21.14 -0.92
N GLU C 24 19.71 -21.70 0.22
CA GLU C 24 18.76 -22.39 1.10
C GLU C 24 17.67 -21.44 1.61
N TYR C 25 18.08 -20.27 2.12
CA TYR C 25 17.09 -19.32 2.64
C TYR C 25 16.26 -18.73 1.51
N GLY C 26 16.88 -18.40 0.38
CA GLY C 26 16.12 -17.99 -0.79
C GLY C 26 15.04 -18.99 -1.20
N ALA C 27 15.41 -20.26 -1.32
CA ALA C 27 14.43 -21.26 -1.73
C ALA C 27 13.33 -21.41 -0.69
N GLU C 28 13.70 -21.43 0.60
CA GLU C 28 12.71 -21.47 1.67
C GLU C 28 11.74 -20.30 1.57
N ALA C 29 12.24 -19.09 1.34
CA ALA C 29 11.33 -17.94 1.28
C ALA C 29 10.38 -18.06 0.09
N LEU C 30 10.88 -18.54 -1.06
CA LEU C 30 10.01 -18.76 -2.21
C LEU C 30 8.93 -19.80 -1.87
N GLU C 31 9.32 -20.89 -1.24
CA GLU C 31 8.32 -21.93 -0.96
C GLU C 31 7.31 -21.45 0.07
N ARG C 32 7.74 -20.67 1.07
CA ARG C 32 6.78 -20.07 1.99
C ARG C 32 5.79 -19.17 1.25
N MET C 33 6.28 -18.41 0.28
CA MET C 33 5.38 -17.52 -0.46
C MET C 33 4.38 -18.32 -1.27
N PHE C 34 4.85 -19.31 -2.06
CA PHE C 34 3.97 -20.07 -2.94
C PHE C 34 2.88 -20.79 -2.15
N LEU C 35 3.23 -21.29 -0.97
CA LEU C 35 2.29 -22.01 -0.14
C LEU C 35 1.37 -21.06 0.61
N SER C 36 1.91 -19.99 1.19
CA SER C 36 1.07 -19.05 1.94
C SER C 36 0.18 -18.21 1.02
N PHE C 37 0.68 -17.85 -0.16
CA PHE C 37 -0.01 -16.93 -1.07
C PHE C 37 -0.03 -17.55 -2.45
N PRO C 38 -0.90 -18.55 -2.66
CA PRO C 38 -0.80 -19.39 -3.86
C PRO C 38 -0.97 -18.63 -5.15
N THR C 39 -1.63 -17.45 -5.12
CA THR C 39 -1.74 -16.66 -6.33
C THR C 39 -0.37 -16.31 -6.90
N THR C 40 0.65 -16.17 -6.04
CA THR C 40 1.99 -15.83 -6.52
C THR C 40 2.55 -16.88 -7.49
N LYS C 41 2.01 -18.10 -7.48
CA LYS C 41 2.49 -19.15 -8.38
C LYS C 41 2.25 -18.83 -9.84
N THR C 42 1.28 -17.97 -10.14
CA THR C 42 0.93 -17.74 -11.53
C THR C 42 1.96 -16.89 -12.27
N TYR C 43 2.89 -16.26 -11.56
CA TYR C 43 4.03 -15.65 -12.22
C TYR C 43 5.02 -16.68 -12.71
N PHE C 44 4.90 -17.93 -12.28
CA PHE C 44 5.81 -19.01 -12.65
C PHE C 44 5.07 -20.17 -13.33
N PRO C 45 4.30 -19.91 -14.38
CA PRO C 45 3.45 -20.99 -14.93
C PRO C 45 4.22 -22.21 -15.45
N HIS C 46 5.47 -22.06 -15.86
CA HIS C 46 6.21 -23.19 -16.42
C HIS C 46 7.24 -23.76 -15.46
N PHE C 47 7.19 -23.39 -14.18
CA PHE C 47 8.12 -23.88 -13.18
C PHE C 47 7.61 -25.19 -12.58
N ASP C 48 8.57 -26.01 -12.15
CA ASP C 48 8.31 -27.11 -11.21
C ASP C 48 8.32 -26.49 -9.82
N LEU C 49 7.14 -26.32 -9.23
CA LEU C 49 6.99 -25.72 -7.92
C LEU C 49 6.69 -26.74 -6.83
N SER C 50 6.90 -28.03 -7.12
CA SER C 50 6.70 -29.06 -6.12
C SER C 50 7.69 -28.86 -4.98
N HIS C 51 7.34 -29.38 -3.81
CA HIS C 51 8.20 -29.18 -2.65
C HIS C 51 9.58 -29.78 -2.91
N GLY C 52 10.62 -29.00 -2.58
CA GLY C 52 11.97 -29.48 -2.74
C GLY C 52 12.47 -29.53 -4.16
N SER C 53 11.74 -28.95 -5.11
CA SER C 53 12.12 -29.03 -6.51
C SER C 53 13.48 -28.37 -6.73
N ALA C 54 14.30 -29.00 -7.58
CA ALA C 54 15.60 -28.43 -7.92
C ALA C 54 15.45 -27.05 -8.58
N GLN C 55 14.36 -26.84 -9.33
CA GLN C 55 14.18 -25.53 -9.98
C GLN C 55 14.00 -24.43 -8.94
N VAL C 56 13.16 -24.66 -7.92
CA VAL C 56 12.96 -23.62 -6.91
C VAL C 56 14.24 -23.44 -6.10
N LYS C 57 14.97 -24.53 -5.82
CA LYS C 57 16.29 -24.41 -5.21
C LYS C 57 17.17 -23.45 -5.98
N GLY C 58 17.30 -23.69 -7.29
CA GLY C 58 18.14 -22.84 -8.10
C GLY C 58 17.63 -21.42 -8.16
N HIS C 59 16.31 -21.26 -8.16
CA HIS C 59 15.79 -19.91 -8.23
C HIS C 59 16.04 -19.15 -6.94
N GLY C 60 15.83 -19.81 -5.79
CA GLY C 60 16.12 -19.18 -4.51
C GLY C 60 17.55 -18.70 -4.43
N LYS C 61 18.47 -19.45 -5.05
CA LYS C 61 19.86 -19.01 -5.09
C LYS C 61 20.01 -17.75 -5.92
N LYS C 62 19.26 -17.64 -7.02
CA LYS C 62 19.30 -16.43 -7.83
C LYS C 62 18.78 -15.23 -7.04
N VAL C 63 17.64 -15.39 -6.36
CA VAL C 63 17.09 -14.33 -5.52
C VAL C 63 18.09 -13.91 -4.45
N ALA C 64 18.62 -14.89 -3.72
CA ALA C 64 19.49 -14.54 -2.59
C ALA C 64 20.74 -13.82 -3.08
N ASP C 65 21.31 -14.28 -4.19
CA ASP C 65 22.50 -13.64 -4.74
C ASP C 65 22.19 -12.20 -5.18
N ALA C 66 21.00 -11.96 -5.74
CA ALA C 66 20.63 -10.59 -6.11
C ALA C 66 20.54 -9.71 -4.88
N LEU C 67 19.98 -10.25 -3.78
CA LEU C 67 19.92 -9.48 -2.55
C LEU C 67 21.32 -9.19 -2.03
N THR C 68 22.22 -10.17 -2.10
CA THR C 68 23.61 -9.92 -1.74
C THR C 68 24.20 -8.79 -2.57
N ASN C 69 23.96 -8.82 -3.89
CA ASN C 69 24.40 -7.73 -4.76
C ASN C 69 23.78 -6.41 -4.32
N ALA C 70 22.49 -6.39 -4.00
CA ALA C 70 21.85 -5.15 -3.58
C ALA C 70 22.46 -4.63 -2.29
N VAL C 71 22.76 -5.52 -1.34
CA VAL C 71 23.42 -5.12 -0.09
C VAL C 71 24.75 -4.45 -0.36
N ALA C 72 25.54 -5.02 -1.27
CA ALA C 72 26.81 -4.42 -1.66
C ALA C 72 26.65 -3.09 -2.38
N HIS C 73 25.49 -2.80 -2.95
CA HIS C 73 25.29 -1.56 -3.69
C HIS C 73 24.13 -0.77 -3.13
N VAL C 74 24.08 -0.71 -1.80
CA VAL C 74 22.93 -0.15 -1.12
C VAL C 74 22.76 1.33 -1.41
N ASP C 75 23.82 2.01 -1.87
CA ASP C 75 23.75 3.41 -2.28
C ASP C 75 23.70 3.59 -3.79
N ASP C 76 23.56 2.49 -4.52
CA ASP C 76 23.61 2.52 -5.97
C ASP C 76 22.62 1.52 -6.54
N MET C 77 21.55 1.22 -5.80
CA MET C 77 20.66 0.13 -6.18
C MET C 77 19.99 0.32 -7.54
N PRO C 78 19.50 1.50 -7.93
CA PRO C 78 18.91 1.60 -9.29
C PRO C 78 19.87 1.19 -10.40
N ASN C 79 21.12 1.62 -10.34
CA ASN C 79 22.10 1.17 -11.35
C ASN C 79 22.36 -0.32 -11.20
N ALA C 80 22.59 -0.78 -9.97
CA ALA C 80 23.00 -2.16 -9.75
C ALA C 80 21.90 -3.14 -10.15
N LEU C 81 20.64 -2.79 -9.92
CA LEU C 81 19.53 -3.69 -10.16
C LEU C 81 18.81 -3.41 -11.48
N SER C 82 19.45 -2.68 -12.40
CA SER C 82 18.77 -2.24 -13.62
C SER C 82 18.18 -3.40 -14.39
N ALA C 83 18.95 -4.48 -14.59
CA ALA C 83 18.46 -5.62 -15.36
C ALA C 83 17.28 -6.31 -14.67
N LEU C 84 17.28 -6.34 -13.33
CA LEU C 84 16.16 -6.96 -12.62
C LEU C 84 14.92 -6.10 -12.69
N SER C 85 15.07 -4.78 -12.72
CA SER C 85 13.92 -3.92 -12.98
C SER C 85 13.39 -4.14 -14.39
N ASP C 86 14.29 -4.28 -15.37
CA ASP C 86 13.87 -4.65 -16.73
C ASP C 86 12.96 -5.86 -16.70
N LEU C 87 13.37 -6.91 -15.99
CA LEU C 87 12.59 -8.15 -15.95
C LEU C 87 11.27 -7.97 -15.20
N HIS C 88 11.32 -7.46 -13.97
CA HIS C 88 10.14 -7.53 -13.10
C HIS C 88 9.12 -6.41 -13.43
N ALA C 89 9.59 -5.21 -13.77
CA ALA C 89 8.71 -4.07 -14.04
C ALA C 89 8.28 -4.01 -15.51
N HIS C 90 9.23 -4.13 -16.44
CA HIS C 90 8.90 -3.96 -17.86
C HIS C 90 8.24 -5.20 -18.44
N LYS C 91 8.83 -6.38 -18.24
CA LYS C 91 8.33 -7.59 -18.90
C LYS C 91 7.23 -8.25 -18.07
N LEU C 92 7.59 -8.73 -16.88
CA LEU C 92 6.66 -9.50 -16.06
C LEU C 92 5.54 -8.64 -15.49
N ARG C 93 5.80 -7.35 -15.30
CA ARG C 93 4.86 -6.40 -14.68
C ARG C 93 4.29 -6.95 -13.36
N VAL C 94 5.18 -7.26 -12.43
CA VAL C 94 4.76 -7.85 -11.16
C VAL C 94 4.03 -6.80 -10.33
N ASP C 95 2.84 -7.16 -9.85
CA ASP C 95 2.08 -6.29 -8.96
C ASP C 95 2.87 -6.09 -7.66
N PRO C 96 3.10 -4.85 -7.24
CA PRO C 96 3.92 -4.63 -6.03
C PRO C 96 3.40 -5.34 -4.79
N VAL C 97 2.11 -5.70 -4.72
CA VAL C 97 1.65 -6.45 -3.55
C VAL C 97 2.45 -7.75 -3.39
N ASN C 98 2.89 -8.34 -4.52
CA ASN C 98 3.61 -9.61 -4.40
C ASN C 98 5.00 -9.43 -3.82
N PHE C 99 5.63 -8.27 -4.06
CA PHE C 99 6.91 -7.99 -3.43
C PHE C 99 6.76 -7.86 -1.91
N LYS C 100 5.62 -7.35 -1.44
CA LYS C 100 5.39 -7.32 -0.01
C LYS C 100 5.29 -8.73 0.55
N LEU C 101 4.66 -9.63 -0.21
CA LEU C 101 4.51 -11.01 0.26
C LEU C 101 5.87 -11.71 0.35
N LEU C 102 6.67 -11.64 -0.72
CA LEU C 102 8.00 -12.24 -0.68
C LEU C 102 8.89 -11.57 0.37
N SER C 103 8.82 -10.24 0.49
CA SER C 103 9.59 -9.56 1.53
C SER C 103 9.23 -10.09 2.92
N HIS C 104 7.93 -10.25 3.20
CA HIS C 104 7.52 -10.80 4.48
C HIS C 104 8.05 -12.22 4.66
N CYS C 105 8.01 -13.03 3.60
CA CYS C 105 8.50 -14.40 3.72
C CYS C 105 10.02 -14.44 3.88
N LEU C 106 10.75 -13.47 3.33
CA LEU C 106 12.19 -13.41 3.61
C LEU C 106 12.43 -13.08 5.08
N LEU C 107 11.69 -12.11 5.64
CA LEU C 107 11.82 -11.82 7.06
C LEU C 107 11.46 -13.02 7.92
N VAL C 108 10.39 -13.74 7.57
CA VAL C 108 10.03 -14.96 8.30
C VAL C 108 11.15 -15.98 8.24
N THR C 109 11.74 -16.17 7.06
CA THR C 109 12.84 -17.12 6.94
C THR C 109 14.02 -16.67 7.79
N LEU C 110 14.36 -15.38 7.74
CA LEU C 110 15.50 -14.91 8.51
C LEU C 110 15.26 -15.08 10.00
N ALA C 111 14.04 -14.75 10.45
CA ALA C 111 13.73 -14.87 11.88
C ALA C 111 13.75 -16.33 12.34
N ALA C 112 13.40 -17.25 11.44
CA ALA C 112 13.37 -18.66 11.82
C ALA C 112 14.77 -19.23 11.95
N HIS C 113 15.73 -18.67 11.21
CA HIS C 113 17.08 -19.20 11.13
C HIS C 113 18.10 -18.42 11.95
N LEU C 114 17.92 -17.11 12.13
CA LEU C 114 18.91 -16.26 12.80
C LEU C 114 18.27 -15.51 13.96
N PRO C 115 17.78 -16.22 14.97
CA PRO C 115 17.07 -15.51 16.06
C PRO C 115 17.91 -14.45 16.75
N ALA C 116 19.17 -14.74 17.04
CA ALA C 116 20.00 -13.78 17.77
C ALA C 116 20.14 -12.47 17.00
N GLU C 117 20.17 -12.55 15.67
CA GLU C 117 20.32 -11.37 14.84
C GLU C 117 19.02 -10.61 14.62
N PHE C 118 17.88 -11.27 14.71
CA PHE C 118 16.63 -10.66 14.29
C PHE C 118 16.02 -9.86 15.44
N THR C 119 16.75 -8.82 15.84
CA THR C 119 16.31 -7.87 16.86
C THR C 119 15.27 -6.91 16.27
N PRO C 120 14.52 -6.22 17.13
CA PRO C 120 13.54 -5.25 16.59
C PRO C 120 14.16 -4.21 15.69
N ALA C 121 15.34 -3.67 16.04
CA ALA C 121 15.98 -2.66 15.21
C ALA C 121 16.41 -3.23 13.87
N VAL C 122 16.94 -4.46 13.87
CA VAL C 122 17.41 -5.08 12.63
C VAL C 122 16.22 -5.53 11.78
N HIS C 123 15.18 -6.04 12.43
CA HIS C 123 13.89 -6.28 11.78
C HIS C 123 13.42 -5.04 11.04
N ALA C 124 13.39 -3.90 11.72
CA ALA C 124 12.96 -2.65 11.07
C ALA C 124 13.85 -2.32 9.88
N SER C 125 15.17 -2.48 10.04
CA SER C 125 16.07 -2.11 8.95
C SER C 125 15.92 -3.06 7.77
N LEU C 126 15.77 -4.36 8.04
CA LEU C 126 15.60 -5.33 6.96
C LEU C 126 14.31 -5.09 6.19
N ASP C 127 13.26 -4.69 6.89
CA ASP C 127 11.99 -4.35 6.23
C ASP C 127 12.18 -3.17 5.27
N LYS C 128 12.79 -2.08 5.74
CA LYS C 128 13.01 -0.93 4.87
C LYS C 128 13.87 -1.30 3.67
N PHE C 129 14.92 -2.08 3.90
CA PHE C 129 15.77 -2.50 2.80
C PHE C 129 14.99 -3.28 1.75
N LEU C 130 14.19 -4.26 2.18
CA LEU C 130 13.45 -5.05 1.20
C LEU C 130 12.39 -4.21 0.51
N ALA C 131 11.83 -3.22 1.22
CA ALA C 131 10.92 -2.28 0.57
C ALA C 131 11.64 -1.47 -0.50
N SER C 132 12.86 -1.04 -0.20
CA SER C 132 13.67 -0.29 -1.16
CA SER C 132 13.67 -0.29 -1.16
C SER C 132 13.99 -1.14 -2.39
N VAL C 133 14.41 -2.38 -2.17
CA VAL C 133 14.65 -3.29 -3.28
C VAL C 133 13.39 -3.46 -4.12
N SER C 134 12.24 -3.63 -3.45
CA SER C 134 10.99 -3.87 -4.18
C SER C 134 10.62 -2.66 -5.03
N THR C 135 10.86 -1.46 -4.51
CA THR C 135 10.58 -0.26 -5.27
C THR C 135 11.39 -0.21 -6.54
N VAL C 136 12.68 -0.52 -6.44
CA VAL C 136 13.53 -0.51 -7.63
C VAL C 136 13.04 -1.53 -8.63
N LEU C 137 12.71 -2.74 -8.17
CA LEU C 137 12.39 -3.81 -9.10
C LEU C 137 11.04 -3.63 -9.76
N THR C 138 10.11 -2.86 -9.16
CA THR C 138 8.80 -2.65 -9.73
C THR C 138 8.66 -1.31 -10.48
N SER C 139 9.71 -0.50 -10.56
CA SER C 139 9.66 0.78 -11.24
CA SER C 139 9.66 0.78 -11.24
C SER C 139 10.35 0.70 -12.61
N LYS C 140 9.75 1.34 -13.61
CA LYS C 140 10.35 1.46 -14.94
C LYS C 140 11.08 2.80 -14.98
N TYR C 141 12.40 2.78 -14.77
CA TYR C 141 13.18 4.01 -14.71
C TYR C 141 14.12 4.15 -15.90
N ARG C 142 13.79 3.52 -17.02
CA ARG C 142 14.33 3.89 -18.33
C ARG C 142 13.24 3.65 -19.36
N VAL D 2 -11.27 -16.57 7.65
CA VAL D 2 -12.26 -17.13 8.55
C VAL D 2 -12.73 -18.48 7.98
N HIS D 3 -11.91 -19.08 7.11
CA HIS D 3 -12.14 -20.45 6.65
C HIS D 3 -10.80 -21.14 6.37
N LEU D 4 -10.33 -21.90 7.35
CA LEU D 4 -9.19 -22.79 7.20
C LEU D 4 -9.68 -24.19 6.87
N THR D 5 -8.83 -24.99 6.23
CA THR D 5 -9.14 -26.40 6.08
C THR D 5 -9.14 -27.06 7.45
N PRO D 6 -9.73 -28.24 7.57
CA PRO D 6 -9.56 -29.00 8.83
C PRO D 6 -8.09 -29.17 9.22
N GLU D 7 -7.20 -29.39 8.25
CA GLU D 7 -5.80 -29.60 8.59
C GLU D 7 -5.13 -28.31 9.05
N GLU D 8 -5.51 -27.18 8.44
CA GLU D 8 -4.94 -25.91 8.85
C GLU D 8 -5.39 -25.55 10.26
N LYS D 9 -6.65 -25.83 10.59
CA LYS D 9 -7.12 -25.58 11.95
C LYS D 9 -6.32 -26.39 12.97
N SER D 10 -6.12 -27.68 12.70
CA SER D 10 -5.33 -28.53 13.60
C SER D 10 -3.92 -28.00 13.77
N ALA D 11 -3.33 -27.48 12.69
CA ALA D 11 -1.96 -26.96 12.79
C ALA D 11 -1.90 -25.69 13.66
N VAL D 12 -2.82 -24.74 13.43
CA VAL D 12 -2.76 -23.50 14.20
C VAL D 12 -3.04 -23.78 15.67
N THR D 13 -4.01 -24.65 15.95
CA THR D 13 -4.38 -25.00 17.32
C THR D 13 -3.20 -25.66 18.04
N ALA D 14 -2.54 -26.61 17.37
CA ALA D 14 -1.42 -27.30 18.02
C ALA D 14 -0.30 -26.31 18.35
N LEU D 15 0.04 -25.41 17.42
CA LEU D 15 1.10 -24.46 17.69
C LEU D 15 0.71 -23.49 18.79
N TRP D 16 -0.53 -23.00 18.75
CA TRP D 16 -0.91 -21.93 19.68
C TRP D 16 -0.89 -22.41 21.12
N GLY D 17 -1.09 -23.72 21.35
CA GLY D 17 -0.98 -24.26 22.69
C GLY D 17 0.38 -24.08 23.32
N LYS D 18 1.41 -23.87 22.52
CA LYS D 18 2.76 -23.68 23.05
C LYS D 18 3.16 -22.21 23.13
N VAL D 19 2.29 -21.30 22.71
CA VAL D 19 2.63 -19.88 22.65
C VAL D 19 2.62 -19.30 24.06
N ASN D 20 3.68 -18.55 24.39
CA ASN D 20 3.77 -17.86 25.67
C ASN D 20 2.83 -16.65 25.64
N VAL D 21 1.66 -16.82 26.23
CA VAL D 21 0.60 -15.82 26.22
C VAL D 21 1.00 -14.53 26.94
N ASP D 22 2.01 -14.58 27.80
CA ASP D 22 2.45 -13.40 28.53
C ASP D 22 3.44 -12.53 27.76
N GLU D 23 4.14 -13.09 26.76
CA GLU D 23 5.24 -12.45 26.07
C GLU D 23 4.97 -12.10 24.61
N VAL D 24 4.32 -12.99 23.86
CA VAL D 24 4.30 -12.84 22.41
C VAL D 24 3.54 -11.58 22.00
N GLY D 25 2.47 -11.25 22.72
CA GLY D 25 1.70 -10.07 22.40
C GLY D 25 2.50 -8.78 22.56
N GLY D 26 3.20 -8.65 23.68
CA GLY D 26 4.04 -7.47 23.86
C GLY D 26 5.17 -7.39 22.85
N GLU D 27 5.73 -8.55 22.50
CA GLU D 27 6.75 -8.57 21.46
C GLU D 27 6.19 -8.11 20.12
N ALA D 28 5.01 -8.61 19.76
CA ALA D 28 4.38 -8.24 18.50
C ALA D 28 3.98 -6.77 18.49
N LEU D 29 3.37 -6.29 19.57
CA LEU D 29 3.01 -4.87 19.60
C LEU D 29 4.25 -3.99 19.58
N GLY D 30 5.27 -4.36 20.36
CA GLY D 30 6.49 -3.60 20.36
C GLY D 30 7.11 -3.48 18.98
N ARG D 31 7.21 -4.61 18.28
CA ARG D 31 7.82 -4.59 16.95
C ARG D 31 6.97 -3.79 15.95
N LEU D 32 5.65 -3.85 16.07
CA LEU D 32 4.81 -2.98 15.25
C LEU D 32 5.22 -1.52 15.42
N LEU D 33 5.33 -1.09 16.66
CA LEU D 33 5.68 0.29 16.97
C LEU D 33 7.09 0.64 16.51
N VAL D 34 7.98 -0.35 16.47
CA VAL D 34 9.36 -0.12 16.06
C VAL D 34 9.49 -0.14 14.53
N VAL D 35 8.94 -1.17 13.89
CA VAL D 35 9.09 -1.35 12.45
C VAL D 35 8.24 -0.35 11.65
N TYR D 36 7.07 0.03 12.18
CA TYR D 36 6.14 0.93 11.49
C TYR D 36 5.88 2.10 12.43
N PRO D 37 6.82 3.05 12.48
CA PRO D 37 6.84 4.00 13.61
C PRO D 37 5.69 4.98 13.63
N TRP D 38 4.96 5.18 12.54
CA TRP D 38 3.76 6.02 12.63
C TRP D 38 2.73 5.44 13.57
N THR D 39 2.77 4.12 13.83
CA THR D 39 1.78 3.51 14.71
C THR D 39 1.93 4.01 16.12
N GLN D 40 3.08 4.56 16.48
CA GLN D 40 3.27 5.12 17.82
C GLN D 40 2.27 6.23 18.10
N ARG D 41 1.81 6.94 17.06
CA ARG D 41 0.88 8.04 17.25
C ARG D 41 -0.40 7.60 17.92
N PHE D 42 -0.80 6.33 17.76
CA PHE D 42 -2.02 5.85 18.39
C PHE D 42 -1.86 5.58 19.88
N PHE D 43 -0.64 5.69 20.41
CA PHE D 43 -0.30 5.28 21.78
C PHE D 43 0.41 6.41 22.53
N GLU D 44 -0.08 7.64 22.36
CA GLU D 44 0.53 8.81 23.01
C GLU D 44 0.69 8.64 24.51
N SER D 45 -0.34 8.11 25.17
CA SER D 45 -0.31 8.02 26.63
C SER D 45 0.63 6.95 27.15
N PHE D 46 1.25 6.14 26.27
CA PHE D 46 1.96 4.97 26.78
C PHE D 46 3.36 5.29 27.29
N GLY D 47 3.82 6.53 27.16
CA GLY D 47 5.10 6.91 27.72
C GLY D 47 6.24 6.89 26.72
N ASP D 48 7.41 6.41 27.15
CA ASP D 48 8.60 6.49 26.31
C ASP D 48 8.53 5.47 25.17
N LEU D 49 8.45 5.97 23.93
CA LEU D 49 8.52 5.11 22.75
C LEU D 49 9.65 5.56 21.80
N SER D 50 10.66 6.23 22.36
CA SER D 50 11.60 7.00 21.57
C SER D 50 12.72 6.18 20.96
N THR D 51 12.94 4.96 21.43
CA THR D 51 13.97 4.07 20.90
C THR D 51 13.42 2.66 20.90
N PRO D 52 14.00 1.77 20.10
CA PRO D 52 13.60 0.35 20.18
C PRO D 52 13.64 -0.20 21.59
N ASP D 53 14.74 0.00 22.32
CA ASP D 53 14.82 -0.51 23.69
C ASP D 53 13.73 0.10 24.57
N ALA D 54 13.46 1.39 24.41
CA ALA D 54 12.39 2.01 25.19
C ALA D 54 11.04 1.37 24.85
N VAL D 55 10.76 1.15 23.56
CA VAL D 55 9.50 0.52 23.17
C VAL D 55 9.40 -0.87 23.79
N MET D 56 10.40 -1.73 23.52
CA MET D 56 10.29 -3.12 23.92
C MET D 56 10.28 -3.28 25.44
N GLY D 57 10.87 -2.33 26.18
CA GLY D 57 10.87 -2.38 27.63
C GLY D 57 9.72 -1.67 28.31
N ASN D 58 8.88 -0.99 27.56
CA ASN D 58 7.77 -0.20 28.10
C ASN D 58 6.72 -1.11 28.73
N PRO D 59 6.42 -0.97 30.03
CA PRO D 59 5.45 -1.90 30.66
C PRO D 59 4.04 -1.76 30.12
N LYS D 60 3.62 -0.56 29.75
CA LYS D 60 2.32 -0.36 29.12
C LYS D 60 2.25 -1.04 27.75
N VAL D 61 3.36 -1.13 27.04
CA VAL D 61 3.36 -1.85 25.77
C VAL D 61 3.19 -3.35 26.01
N LYS D 62 3.96 -3.91 26.96
CA LYS D 62 3.82 -5.33 27.31
C LYS D 62 2.42 -5.63 27.78
N ALA D 63 1.84 -4.76 28.61
CA ALA D 63 0.53 -5.04 29.18
C ALA D 63 -0.53 -5.02 28.10
N HIS D 64 -0.49 -4.01 27.23
CA HIS D 64 -1.47 -3.94 26.17
C HIS D 64 -1.32 -5.10 25.20
N GLY D 65 -0.08 -5.44 24.85
CA GLY D 65 0.18 -6.60 23.99
C GLY D 65 -0.43 -7.86 24.53
N LYS D 66 -0.48 -8.00 25.85
CA LYS D 66 -1.15 -9.15 26.45
C LYS D 66 -2.64 -9.14 26.11
N LYS D 67 -3.29 -7.97 26.15
CA LYS D 67 -4.69 -7.88 25.75
C LYS D 67 -4.87 -8.21 24.27
N VAL D 68 -4.01 -7.66 23.41
CA VAL D 68 -4.03 -8.01 21.97
C VAL D 68 -4.03 -9.51 21.79
N LEU D 69 -3.08 -10.18 22.44
CA LEU D 69 -2.90 -11.60 22.22
C LEU D 69 -4.07 -12.40 22.77
N GLY D 70 -4.69 -11.91 23.86
CA GLY D 70 -5.92 -12.53 24.31
C GLY D 70 -7.01 -12.48 23.26
N ALA D 71 -7.07 -11.38 22.51
CA ALA D 71 -8.06 -11.26 21.46
C ALA D 71 -7.75 -12.20 20.29
N PHE D 72 -6.47 -12.36 19.96
CA PHE D 72 -6.09 -13.37 18.97
C PHE D 72 -6.45 -14.78 19.43
N SER D 73 -6.23 -15.07 20.73
CA SER D 73 -6.63 -16.37 21.28
C SER D 73 -8.13 -16.59 21.16
N ASP D 74 -8.92 -15.54 21.42
CA ASP D 74 -10.37 -15.61 21.25
C ASP D 74 -10.74 -15.92 19.81
N GLY D 75 -10.05 -15.31 18.85
CA GLY D 75 -10.30 -15.63 17.45
C GLY D 75 -9.93 -17.06 17.13
N LEU D 76 -8.79 -17.53 17.64
CA LEU D 76 -8.32 -18.89 17.40
C LEU D 76 -9.23 -19.94 18.01
N ALA D 77 -9.99 -19.58 19.05
CA ALA D 77 -10.99 -20.48 19.62
C ALA D 77 -12.33 -20.40 18.91
N HIS D 78 -12.48 -19.50 17.94
CA HIS D 78 -13.73 -19.33 17.20
C HIS D 78 -13.41 -19.04 15.72
N LEU D 79 -12.63 -19.92 15.10
CA LEU D 79 -12.07 -19.66 13.78
C LEU D 79 -13.14 -19.52 12.69
N ASP D 80 -14.32 -20.11 12.87
CA ASP D 80 -15.36 -19.98 11.86
C ASP D 80 -16.30 -18.80 12.10
N ASN D 81 -16.11 -18.05 13.20
CA ASN D 81 -16.88 -16.84 13.46
C ASN D 81 -15.95 -15.71 13.90
N LEU D 82 -15.02 -15.34 13.02
CA LEU D 82 -14.13 -14.24 13.34
C LEU D 82 -14.86 -12.90 13.34
N LYS D 83 -15.81 -12.71 12.41
CA LYS D 83 -16.52 -11.43 12.35
C LYS D 83 -17.22 -11.13 13.67
N GLY D 84 -17.92 -12.12 14.24
CA GLY D 84 -18.61 -11.90 15.49
C GLY D 84 -17.64 -11.76 16.65
N THR D 85 -16.55 -12.52 16.62
CA THR D 85 -15.59 -12.47 17.71
C THR D 85 -14.97 -11.09 17.86
N PHE D 86 -14.77 -10.38 16.75
CA PHE D 86 -14.06 -9.10 16.74
C PHE D 86 -14.97 -7.90 16.53
N ALA D 87 -16.29 -8.10 16.52
CA ALA D 87 -17.21 -7.01 16.16
C ALA D 87 -17.02 -5.78 17.05
N THR D 88 -16.93 -5.98 18.36
CA THR D 88 -16.77 -4.86 19.27
C THR D 88 -15.43 -4.16 19.06
N LEU D 89 -14.36 -4.94 18.87
CA LEU D 89 -13.06 -4.33 18.57
C LEU D 89 -13.10 -3.61 17.23
N SER D 90 -13.88 -4.11 16.26
CA SER D 90 -13.99 -3.42 14.97
C SER D 90 -14.60 -2.04 15.16
N GLU D 91 -15.67 -1.94 15.95
CA GLU D 91 -16.22 -0.62 16.25
C GLU D 91 -15.18 0.29 16.88
N LEU D 92 -14.42 -0.23 17.85
CA LEU D 92 -13.40 0.58 18.51
C LEU D 92 -12.32 1.04 17.53
N HIS D 93 -11.76 0.10 16.77
CA HIS D 93 -10.62 0.44 15.91
C HIS D 93 -11.05 1.25 14.69
N CYS D 94 -12.26 1.02 14.16
CA CYS D 94 -12.69 1.68 12.93
C CYS D 94 -13.49 2.95 13.19
N ASP D 95 -14.60 2.82 13.93
CA ASP D 95 -15.46 3.98 14.18
C ASP D 95 -14.79 4.97 15.12
N LYS D 96 -14.16 4.48 16.18
CA LYS D 96 -13.64 5.36 17.24
C LYS D 96 -12.19 5.79 16.99
N LEU D 97 -11.28 4.83 16.78
CA LEU D 97 -9.86 5.15 16.66
C LEU D 97 -9.42 5.53 15.24
N HIS D 98 -10.17 5.11 14.22
CA HIS D 98 -9.87 5.41 12.82
C HIS D 98 -8.47 4.91 12.42
N VAL D 99 -8.16 3.66 12.82
CA VAL D 99 -6.94 3.00 12.38
C VAL D 99 -7.13 2.50 10.95
N ASP D 100 -6.21 2.88 10.08
CA ASP D 100 -6.30 2.44 8.70
C ASP D 100 -6.13 0.93 8.64
N PRO D 101 -7.00 0.22 7.92
CA PRO D 101 -6.95 -1.26 7.95
C PRO D 101 -5.64 -1.86 7.48
N GLU D 102 -4.81 -1.17 6.68
CA GLU D 102 -3.51 -1.72 6.36
C GLU D 102 -2.70 -2.00 7.62
N ASN D 103 -2.90 -1.22 8.67
CA ASN D 103 -2.16 -1.46 9.92
C ASN D 103 -2.58 -2.76 10.60
N PHE D 104 -3.85 -3.18 10.43
CA PHE D 104 -4.24 -4.51 10.90
C PHE D 104 -3.42 -5.60 10.23
N ARG D 105 -3.26 -5.50 8.90
CA ARG D 105 -2.50 -6.48 8.15
C ARG D 105 -1.05 -6.48 8.60
N LEU D 106 -0.50 -5.29 8.86
CA LEU D 106 0.89 -5.20 9.29
C LEU D 106 1.10 -5.88 10.64
N LEU D 107 0.22 -5.62 11.60
CA LEU D 107 0.34 -6.27 12.90
C LEU D 107 0.21 -7.79 12.77
N GLY D 108 -0.72 -8.26 11.92
CA GLY D 108 -0.82 -9.69 11.66
C GLY D 108 0.49 -10.30 11.21
N ASN D 109 1.18 -9.64 10.27
CA ASN D 109 2.42 -10.17 9.74
C ASN D 109 3.57 -10.02 10.72
N VAL D 110 3.56 -8.95 11.53
CA VAL D 110 4.53 -8.84 12.62
C VAL D 110 4.38 -10.01 13.58
N LEU D 111 3.14 -10.34 13.96
CA LEU D 111 2.90 -11.51 14.80
C LEU D 111 3.47 -12.78 14.16
N VAL D 112 3.27 -12.94 12.85
CA VAL D 112 3.84 -14.11 12.16
C VAL D 112 5.36 -14.10 12.27
N CYS D 113 5.98 -12.92 12.11
CA CYS D 113 7.44 -12.87 12.29
C CYS D 113 7.84 -13.27 13.70
N VAL D 114 7.07 -12.83 14.69
CA VAL D 114 7.39 -13.16 16.08
C VAL D 114 7.23 -14.66 16.34
N LEU D 115 6.16 -15.26 15.78
CA LEU D 115 6.01 -16.71 15.86
C LEU D 115 7.20 -17.42 15.22
N ALA D 116 7.58 -16.99 14.01
CA ALA D 116 8.78 -17.52 13.36
C ALA D 116 10.01 -17.35 14.24
N HIS D 117 10.19 -16.16 14.82
CA HIS D 117 11.35 -15.89 15.66
C HIS D 117 11.44 -16.87 16.83
N HIS D 118 10.32 -17.11 17.52
CA HIS D 118 10.35 -17.96 18.70
C HIS D 118 10.48 -19.44 18.33
N PHE D 119 9.77 -19.88 17.30
CA PHE D 119 9.67 -21.30 17.02
C PHE D 119 10.72 -21.83 16.04
N GLY D 120 11.37 -20.94 15.28
CA GLY D 120 12.40 -21.41 14.37
C GLY D 120 11.90 -22.46 13.40
N LYS D 121 12.69 -23.52 13.24
CA LYS D 121 12.37 -24.52 12.21
C LYS D 121 11.01 -25.15 12.42
N GLU D 122 10.52 -25.16 13.64
CA GLU D 122 9.16 -25.63 13.93
C GLU D 122 8.09 -24.78 13.24
N PHE D 123 8.38 -23.53 12.90
CA PHE D 123 7.43 -22.70 12.16
C PHE D 123 7.60 -22.95 10.66
N THR D 124 7.20 -24.17 10.27
CA THR D 124 7.38 -24.70 8.92
C THR D 124 6.54 -23.89 7.92
N PRO D 125 6.79 -24.06 6.62
CA PRO D 125 5.98 -23.34 5.62
C PRO D 125 4.50 -23.71 5.72
N PRO D 126 4.14 -24.99 5.95
CA PRO D 126 2.71 -25.28 6.15
C PRO D 126 2.11 -24.57 7.37
N VAL D 127 2.84 -24.53 8.47
CA VAL D 127 2.34 -23.85 9.66
C VAL D 127 2.16 -22.36 9.39
N GLN D 128 3.13 -21.75 8.70
CA GLN D 128 3.00 -20.34 8.35
C GLN D 128 1.77 -20.09 7.50
N ALA D 129 1.57 -20.91 6.46
CA ALA D 129 0.45 -20.70 5.56
C ALA D 129 -0.88 -20.77 6.30
N ALA D 130 -0.99 -21.71 7.24
CA ALA D 130 -2.18 -21.76 8.07
C ALA D 130 -2.35 -20.47 8.88
N TYR D 131 -1.26 -19.98 9.49
CA TYR D 131 -1.34 -18.74 10.27
C TYR D 131 -1.58 -17.51 9.40
N GLN D 132 -1.11 -17.50 8.15
CA GLN D 132 -1.42 -16.36 7.29
C GLN D 132 -2.92 -16.21 7.10
N LYS D 133 -3.64 -17.34 7.01
CA LYS D 133 -5.09 -17.34 6.91
C LYS D 133 -5.73 -16.80 8.19
N VAL D 134 -5.20 -17.18 9.36
CA VAL D 134 -5.71 -16.65 10.61
C VAL D 134 -5.55 -15.13 10.67
N VAL D 135 -4.32 -14.63 10.46
CA VAL D 135 -4.12 -13.19 10.66
C VAL D 135 -4.82 -12.37 9.58
N ALA D 136 -4.93 -12.91 8.35
CA ALA D 136 -5.76 -12.27 7.34
C ALA D 136 -7.21 -12.22 7.78
N GLY D 137 -7.71 -13.30 8.38
CA GLY D 137 -9.10 -13.31 8.82
C GLY D 137 -9.33 -12.35 9.98
N VAL D 138 -8.38 -12.27 10.91
CA VAL D 138 -8.50 -11.30 11.99
C VAL D 138 -8.50 -9.89 11.43
N ALA D 139 -7.58 -9.59 10.50
CA ALA D 139 -7.52 -8.23 9.97
C ALA D 139 -8.80 -7.88 9.22
N ASN D 140 -9.31 -8.83 8.43
CA ASN D 140 -10.60 -8.62 7.77
C ASN D 140 -11.72 -8.38 8.79
N ALA D 141 -11.74 -9.15 9.87
CA ALA D 141 -12.81 -9.00 10.85
C ALA D 141 -12.72 -7.65 11.55
N LEU D 142 -11.51 -7.23 11.95
CA LEU D 142 -11.34 -5.93 12.60
C LEU D 142 -11.75 -4.81 11.68
N ALA D 143 -11.66 -5.02 10.37
CA ALA D 143 -12.02 -4.04 9.38
C ALA D 143 -13.50 -4.12 8.98
N HIS D 144 -14.29 -4.97 9.63
CA HIS D 144 -15.66 -5.19 9.16
C HIS D 144 -16.49 -3.92 9.18
N LYS D 145 -16.26 -3.01 10.14
CA LYS D 145 -17.02 -1.77 10.19
C LYS D 145 -16.63 -0.80 9.08
N TYR D 146 -15.55 -1.07 8.35
CA TYR D 146 -15.19 -0.35 7.13
C TYR D 146 -15.88 -0.94 5.89
N HIS D 147 -16.57 -2.06 6.02
CA HIS D 147 -17.09 -2.78 4.88
C HIS D 147 -18.61 -2.55 4.71
CHA HEM E . 3.59 20.87 7.62
CHB HEM E . 4.84 19.75 3.01
CHC HEM E . 2.08 15.69 3.38
CHD HEM E . 0.51 17.04 7.86
C1A HEM E . 4.14 20.94 6.34
C2A HEM E . 4.96 22.01 5.81
C3A HEM E . 5.30 21.70 4.54
C4A HEM E . 4.72 20.42 4.21
CMA HEM E . 6.17 22.55 3.58
CAA HEM E . 5.38 23.29 6.57
CBA HEM E . 6.67 23.05 7.33
CGA HEM E . 7.14 24.38 7.87
O1A HEM E . 7.38 25.31 7.07
O2A HEM E . 7.27 24.52 9.12
C1B HEM E . 4.20 18.56 2.75
C2B HEM E . 4.29 17.82 1.50
C3B HEM E . 3.54 16.71 1.60
C4B HEM E . 2.91 16.70 2.91
CMB HEM E . 5.15 18.32 0.31
CAB HEM E . 3.27 15.58 0.58
CBB HEM E . 3.49 15.73 -0.74
C1C HEM E . 1.37 15.77 4.58
C2C HEM E . 0.25 14.92 4.94
C3C HEM E . -0.18 15.27 6.18
C4C HEM E . 0.63 16.38 6.63
CMC HEM E . -0.27 13.79 4.02
CAC HEM E . -1.36 14.70 7.02
CBC HEM E . -2.52 14.29 6.49
C1D HEM E . 1.20 18.20 8.16
C2D HEM E . 1.08 18.98 9.38
C3D HEM E . 1.91 20.03 9.32
C4D HEM E . 2.62 19.97 8.06
CMD HEM E . 0.11 18.60 10.52
CAD HEM E . 2.12 21.12 10.39
CBD HEM E . 1.16 22.29 10.25
CGD HEM E . 1.56 23.26 11.35
O1D HEM E . 1.21 23.00 12.54
O2D HEM E . 2.23 24.27 11.03
NA HEM E . 4.02 19.98 5.33
NB HEM E . 3.33 17.86 3.57
NC HEM E . 1.57 16.66 5.63
ND HEM E . 2.18 18.85 7.40
FE HEM E . 2.71 18.40 5.46
C CMO F . 1.15 19.20 4.64
O CMO F . 0.10 19.82 4.72
C1 N1X G . 10.47 5.36 -7.85
C2 N1X G . 10.82 5.79 -6.42
C4 N1X G . 11.94 6.63 -4.77
C5 N1X G . 10.77 6.15 -4.19
C6 N1X G . 10.03 5.57 -5.28
C7 N1X G . 13.07 7.34 -4.05
C8 N1X G . 12.74 7.57 -2.59
C9 N1X G . 13.90 8.16 -1.93
C10 N1X G . 14.32 9.40 -2.57
C11 N1X G . 14.51 9.28 -4.08
O3 N1X G . 11.92 6.40 -6.06
O12 N1X G . 13.39 8.59 -4.73
CHA HEM H . -14.43 -7.28 -16.29
CHB HEM H . -16.25 -3.41 -13.86
CHC HEM H . -11.99 -3.19 -11.33
CHD HEM H . -9.99 -6.67 -14.26
C1A HEM H . -15.28 -6.28 -15.86
C2A HEM H . -16.64 -6.05 -16.32
C3A HEM H . -17.16 -5.00 -15.66
C4A HEM H . -16.14 -4.49 -14.75
CMA HEM H . -18.57 -4.41 -15.86
CAA HEM H . -17.36 -6.91 -17.40
CBA HEM H . -17.94 -8.14 -16.73
CGA HEM H . -18.41 -9.12 -17.76
O1A HEM H . -19.08 -10.11 -17.36
O2A HEM H . -18.14 -8.90 -18.97
C1B HEM H . -15.23 -3.07 -12.96
C2B HEM H . -15.37 -2.05 -11.94
C3B HEM H . -14.24 -1.97 -11.23
C4B HEM H . -13.29 -2.95 -11.77
CMB HEM H . -16.66 -1.24 -11.72
CAB HEM H . -14.04 -0.99 -10.05
CBB HEM H . -13.08 -1.13 -9.13
C1C HEM H . -11.08 -4.02 -12.02
C2C HEM H . -9.64 -4.01 -11.83
C3C HEM H . -9.08 -4.97 -12.61
C4C HEM H . -10.15 -5.63 -13.34
CMC HEM H . -8.94 -3.03 -10.86
CAC HEM H . -7.59 -5.35 -12.79
CBC HEM H . -6.55 -4.58 -12.44
C1D HEM H . -11.03 -7.12 -15.08
C2D HEM H . -10.94 -8.15 -16.10
C3D HEM H . -12.15 -8.31 -16.65
C4D HEM H . -13.08 -7.39 -16.01
CMD HEM H . -9.65 -8.90 -16.47
CAD HEM H . -12.52 -9.29 -17.78
CBD HEM H . -12.06 -8.70 -19.11
CGD HEM H . -12.22 -9.72 -20.22
O1D HEM H . -11.19 -10.34 -20.62
O2D HEM H . -13.37 -9.91 -20.70
NA HEM H . -15.01 -5.30 -14.91
NB HEM H . -13.94 -3.58 -12.84
NC HEM H . -11.34 -5.02 -12.96
ND HEM H . -12.35 -6.69 -15.06
FE HEM H . -13.15 -5.11 -14.01
C CMO I . -12.39 -3.71 -15.15
O CMO I . -11.85 -3.38 -16.20
CHA HEM J . 13.29 -13.88 -11.80
CHB HEM J . 15.19 -11.39 -8.04
CHC HEM J . 10.60 -10.52 -6.37
CHD HEM J . 8.73 -13.06 -10.18
C1A HEM J . 14.18 -13.33 -10.89
C2A HEM J . 15.63 -13.49 -10.93
C3A HEM J . 16.16 -12.79 -9.92
C4A HEM J . 15.07 -12.18 -9.17
CMA HEM J . 17.66 -12.71 -9.59
CAA HEM J . 16.41 -14.29 -11.99
CBA HEM J . 16.75 -13.30 -13.10
CGA HEM J . 17.53 -13.97 -14.22
O1A HEM J . 17.55 -15.23 -14.30
O2A HEM J . 18.13 -13.23 -15.05
C1B HEM J . 14.09 -10.99 -7.26
C2B HEM J . 14.20 -10.31 -5.99
C3B HEM J . 12.96 -10.07 -5.54
C4B HEM J . 11.99 -10.58 -6.50
CMB HEM J . 15.55 -9.95 -5.34
CAB HEM J . 12.52 -9.38 -4.23
CBB HEM J . 13.30 -9.23 -3.15
C1C HEM J . 9.73 -11.21 -7.21
C2C HEM J . 8.31 -11.43 -6.98
C3C HEM J . 7.79 -12.10 -8.03
C4C HEM J . 8.87 -12.38 -8.98
CMC HEM J . 7.54 -10.93 -5.73
CAC HEM J . 6.34 -12.62 -8.27
CBC HEM J . 5.50 -12.99 -7.29
C1D HEM J . 9.81 -13.50 -10.94
C2D HEM J . 9.72 -14.27 -12.16
C3D HEM J . 10.97 -14.48 -12.60
C4D HEM J . 11.90 -13.87 -11.67
CMD HEM J . 8.42 -14.73 -12.84
CAD HEM J . 11.36 -15.25 -13.87
CBD HEM J . 11.46 -16.73 -13.60
CGD HEM J . 11.70 -17.34 -14.95
O1D HEM J . 12.86 -17.67 -15.25
O2D HEM J . 10.73 -17.48 -15.76
NA HEM J . 13.88 -12.52 -9.81
NB HEM J . 12.74 -11.14 -7.53
NC HEM J . 10.04 -11.81 -8.45
ND HEM J . 11.15 -13.27 -10.68
FE HEM J . 11.97 -12.29 -9.12
C CMO K . 11.91 -13.78 -7.88
O CMO K . 11.65 -14.95 -7.64
C1 N1X L . 13.15 4.30 2.22
C2 N1X L . 13.27 3.99 0.73
C4 N1X L . 14.13 3.82 -1.24
C5 N1X L . 12.81 3.37 -1.40
C6 N1X L . 12.24 3.48 -0.09
C7 N1X L . 15.17 3.89 -2.34
C8 N1X L . 14.63 3.23 -3.59
C9 N1X L . 15.51 3.55 -4.72
C10 N1X L . 16.92 3.60 -4.33
C11 N1X L . 17.27 2.92 -3.00
O3 N1X L . 14.34 4.18 -0.01
O12 N1X L . 16.38 3.24 -1.90
CHA HEM M . -7.01 -1.44 21.81
CHB HEM M . -6.85 -5.85 19.74
CHC HEM M . -4.75 -3.87 15.74
CHD HEM M . -4.57 0.54 18.03
C1A HEM M . -7.13 -2.80 21.60
C2A HEM M . -7.66 -3.77 22.55
C3A HEM M . -7.61 -4.97 21.97
C4A HEM M . -7.03 -4.83 20.64
CMA HEM M . -8.05 -6.30 22.59
CAA HEM M . -8.19 -3.48 23.98
CBA HEM M . -9.65 -3.03 23.88
CGA HEM M . -10.33 -2.88 25.24
O1A HEM M . -9.83 -3.41 26.26
O2A HEM M . -11.40 -2.23 25.29
C1B HEM M . -6.28 -5.69 18.48
C2B HEM M . -6.07 -6.74 17.52
C3B HEM M . -5.51 -6.22 16.43
C4B HEM M . -5.32 -4.79 16.64
CMB HEM M . -6.47 -8.21 17.72
CAB HEM M . -5.15 -7.06 15.16
CBB HEM M . -4.95 -6.50 13.97
C1C HEM M . -4.44 -2.54 16.10
C2C HEM M . -3.63 -1.63 15.30
C3C HEM M . -3.60 -0.43 15.90
C4C HEM M . -4.37 -0.51 17.14
CMC HEM M . -2.96 -2.08 13.96
CAC HEM M . -2.86 0.87 15.50
CBC HEM M . -1.86 0.88 14.61
C1D HEM M . -5.21 0.35 19.25
C2D HEM M . -5.39 1.36 20.27
C3D HEM M . -6.06 0.83 21.29
C4D HEM M . -6.33 -0.56 20.99
CMD HEM M . -4.88 2.81 20.16
CAD HEM M . -6.45 1.55 22.60
CBD HEM M . -5.21 1.59 23.49
CGD HEM M . -5.52 2.42 24.71
O1D HEM M . -6.05 1.89 25.72
O2D HEM M . -5.27 3.64 24.64
NA HEM M . -6.76 -3.48 20.45
NB HEM M . -5.81 -4.52 17.91
NC HEM M . -4.88 -1.81 17.21
ND HEM M . -5.82 -0.81 19.72
FE HEM M . -5.72 -2.67 18.87
C CMO N . -3.91 -3.05 19.42
O CMO N . -2.96 -2.78 20.12
#